data_8FGI
#
_entry.id   8FGI
#
_cell.length_a   52.205
_cell.length_b   122.555
_cell.length_c   164.560
_cell.angle_alpha   90.000
_cell.angle_beta   90.000
_cell.angle_gamma   90.000
#
_symmetry.space_group_name_H-M   'P 21 21 21'
#
loop_
_entity.id
_entity.type
_entity.pdbx_description
1 polymer 'Nitric oxide synthase, brain'
2 non-polymer 'PROTOPORPHYRIN IX CONTAINING FE'
3 non-polymer 5,6,7,8-TETRAHYDROBIOPTERIN
4 non-polymer 4-(2-{5-[2-(dimethylamino)ethyl]-2,3-difluorophenyl}ethyl)-6-methylpyrimidin-2-amine
5 non-polymer GLYCEROL
6 non-polymer 'ZINC ION'
7 water water
#
_entity_poly.entity_id   1
_entity_poly.type   'polypeptide(L)'
_entity_poly.pdbx_seq_one_letter_code
;CPRFLKVKNWETEVVLTDTLHLKSTLETGCTEYICMGSIMHPSQHARRPEDVATKDQLFPLAKEFIDQYYSSIKRFGSKA
HMERLEEVNKEIDTTSTYQLKDTELIYGAKHAWRNASRCVGRIQWSKLQVFDARDCTTAHGMFNYICNHVKYATNKGNLR
SAITIFPQRTDGKHDFRVWNSQLIRYAGYKQPDGSTLGDPANVQFTEICIQQGWKPPRGRFDVLPLLLQANGNDPELFQI
PPELVLEVPIRHPKFEWFKDLGLKWYGLPAVSNMLLEIGGLEFSACPFSGWYMGTEIGVRDYCDNSRYNILEEVAKKMNL
DMRKTSSLWKDQALVEINIAVLYSFQSDKVTIVDHHSATESFIKHMENEYRCRGGCPADWVWIVPPMSGSITPVFHQEML
NYRLTPSFEYQPDPWNTHVWK
;
_entity_poly.pdbx_strand_id   A,B
#
loop_
_chem_comp.id
_chem_comp.type
_chem_comp.name
_chem_comp.formula
GOL non-polymer GLYCEROL 'C3 H8 O3'
H4B non-polymer 5,6,7,8-TETRAHYDROBIOPTERIN 'C9 H15 N5 O3'
HEM non-polymer 'PROTOPORPHYRIN IX CONTAINING FE' 'C34 H32 Fe N4 O4'
V80 non-polymer 4-(2-{5-[2-(dimethylamino)ethyl]-2,3-difluorophenyl}ethyl)-6-methylpyrimidin-2-amine 'C17 H22 F2 N4'
ZN non-polymer 'ZINC ION' 'Zn 2'
#
# COMPACT_ATOMS: atom_id res chain seq x y z
N CYS A 1 11.93 22.60 -2.80
CA CYS A 1 11.85 21.42 -1.93
C CYS A 1 12.48 21.69 -0.57
N PRO A 2 11.85 21.19 0.49
CA PRO A 2 12.44 21.29 1.83
C PRO A 2 13.70 20.44 1.94
N ARG A 3 14.58 20.84 2.86
CA ARG A 3 15.91 20.26 2.91
C ARG A 3 15.99 18.97 3.72
N PHE A 4 15.13 18.80 4.71
CA PHE A 4 15.02 17.56 5.47
C PHE A 4 13.57 17.07 5.38
N LEU A 5 13.39 15.78 5.21
CA LEU A 5 12.06 15.21 5.32
C LEU A 5 12.10 14.11 6.36
N LYS A 6 11.11 14.08 7.24
CA LYS A 6 11.08 13.10 8.32
C LYS A 6 10.04 12.03 8.01
N VAL A 7 10.43 10.78 8.20
CA VAL A 7 9.51 9.65 8.16
C VAL A 7 9.45 9.05 9.55
N LYS A 8 8.29 8.55 9.91
CA LYS A 8 8.05 7.96 11.21
C LYS A 8 7.61 6.52 11.04
N ASN A 9 7.99 5.68 12.01
CA ASN A 9 7.43 4.35 12.16
C ASN A 9 6.40 4.41 13.29
N TRP A 10 5.15 4.08 12.97
CA TRP A 10 4.07 4.31 13.92
C TRP A 10 3.96 3.21 14.96
N GLU A 11 4.66 2.11 14.79
CA GLU A 11 4.70 1.06 15.79
C GLU A 11 5.85 1.26 16.78
N THR A 12 7.02 1.70 16.32
CA THR A 12 8.19 1.83 17.18
C THR A 12 8.48 3.27 17.60
N GLU A 13 7.84 4.27 16.98
CA GLU A 13 8.06 5.70 17.18
C GLU A 13 9.40 6.19 16.64
N VAL A 14 10.20 5.34 16.00
CA VAL A 14 11.47 5.79 15.45
C VAL A 14 11.23 6.79 14.32
N VAL A 15 11.92 7.92 14.37
CA VAL A 15 11.83 8.95 13.34
C VAL A 15 13.16 9.03 12.61
N LEU A 16 13.10 9.03 11.28
CA LEU A 16 14.28 9.07 10.42
C LEU A 16 14.22 10.33 9.58
N THR A 17 15.39 10.87 9.27
CA THR A 17 15.52 12.11 8.51
C THR A 17 16.11 11.80 7.15
N ASP A 18 15.43 12.22 6.10
CA ASP A 18 15.84 11.97 4.72
C ASP A 18 16.38 13.26 4.13
N THR A 19 17.64 13.23 3.70
CA THR A 19 18.15 14.28 2.83
C THR A 19 18.50 13.77 1.44
N LEU A 20 18.54 12.45 1.26
CA LEU A 20 18.92 11.89 -0.03
C LEU A 20 17.93 12.24 -1.13
N HIS A 21 16.66 12.53 -0.80
CA HIS A 21 15.70 12.93 -1.83
C HIS A 21 16.14 14.16 -2.59
N LEU A 22 17.00 15.01 -2.01
CA LEU A 22 17.51 16.16 -2.74
C LEU A 22 18.29 15.77 -3.99
N LYS A 23 18.76 14.54 -4.06
CA LYS A 23 19.49 14.06 -5.22
C LYS A 23 18.60 13.37 -6.25
N SER A 24 17.29 13.39 -6.07
CA SER A 24 16.45 12.65 -7.01
C SER A 24 16.45 13.36 -8.36
N THR A 25 16.39 12.58 -9.43
CA THR A 25 16.66 13.12 -10.75
C THR A 25 15.49 13.03 -11.72
N LEU A 26 14.62 12.04 -11.58
CA LEU A 26 13.54 11.88 -12.54
C LEU A 26 12.20 11.91 -11.83
N GLU A 27 11.13 12.00 -12.62
CA GLU A 27 9.80 12.26 -12.10
C GLU A 27 9.17 10.99 -11.53
N THR A 28 8.29 11.20 -10.55
CA THR A 28 7.54 10.10 -9.93
C THR A 28 6.20 9.85 -10.58
N GLY A 29 5.64 10.85 -11.24
CA GLY A 29 4.27 10.81 -11.71
C GLY A 29 3.31 11.61 -10.86
N CYS A 30 3.61 11.77 -9.58
CA CYS A 30 2.75 12.57 -8.73
C CYS A 30 2.91 14.05 -9.08
N THR A 31 1.92 14.82 -8.65
CA THR A 31 2.04 16.27 -8.63
C THR A 31 1.66 16.80 -7.25
N GLU A 32 1.58 18.12 -7.14
CA GLU A 32 1.12 18.76 -5.91
C GLU A 32 -0.32 18.40 -5.59
N TYR A 33 -1.14 18.13 -6.62
CA TYR A 33 -2.58 17.98 -6.46
C TYR A 33 -3.06 16.56 -6.66
N ILE A 34 -2.21 15.64 -7.10
CA ILE A 34 -2.62 14.26 -7.28
C ILE A 34 -1.45 13.36 -6.90
N CYS A 35 -1.74 12.26 -6.24
CA CYS A 35 -0.75 11.24 -5.95
C CYS A 35 -1.04 10.04 -6.83
N MET A 36 0.01 9.51 -7.45
CA MET A 36 -0.12 8.37 -8.35
C MET A 36 0.64 7.16 -7.85
N GLY A 37 0.91 7.10 -6.55
CA GLY A 37 1.73 6.05 -5.98
C GLY A 37 1.20 4.63 -6.18
N SER A 38 -0.05 4.45 -6.56
CA SER A 38 -0.55 3.11 -6.83
C SER A 38 -0.69 2.79 -8.32
N ILE A 39 -0.36 3.73 -9.21
CA ILE A 39 -0.25 3.44 -10.64
C ILE A 39 0.98 2.57 -10.89
N MET A 40 0.81 1.50 -11.68
CA MET A 40 1.92 0.56 -11.82
C MET A 40 3.04 1.09 -12.71
N HIS A 41 2.69 1.81 -13.77
CA HIS A 41 3.68 2.43 -14.66
C HIS A 41 3.27 3.87 -14.87
N PRO A 42 3.64 4.78 -13.95
CA PRO A 42 3.13 6.17 -13.99
C PRO A 42 3.62 6.95 -15.21
N ARG A 48 9.26 6.44 -28.72
CA ARG A 48 9.89 5.87 -29.90
C ARG A 48 11.22 5.20 -29.53
N PRO A 49 11.44 3.98 -30.05
CA PRO A 49 12.70 3.29 -29.74
C PRO A 49 13.90 3.91 -30.44
N GLU A 50 13.68 4.56 -31.58
CA GLU A 50 14.76 5.23 -32.30
C GLU A 50 15.40 6.34 -31.48
N ASP A 51 14.63 6.98 -30.60
CA ASP A 51 15.11 8.13 -29.86
C ASP A 51 16.14 7.71 -28.82
N VAL A 52 17.41 8.02 -29.09
CA VAL A 52 18.48 7.80 -28.13
C VAL A 52 19.01 9.17 -27.69
N ALA A 53 19.77 9.16 -26.59
CA ALA A 53 20.29 10.40 -26.03
C ALA A 53 21.19 11.13 -27.02
N THR A 54 20.93 12.43 -27.20
CA THR A 54 21.81 13.25 -27.99
C THR A 54 23.11 13.54 -27.23
N LYS A 55 24.13 13.98 -27.96
CA LYS A 55 25.37 14.42 -27.31
C LYS A 55 25.09 15.37 -26.15
N ASP A 56 24.24 16.37 -26.40
CA ASP A 56 24.00 17.39 -25.39
C ASP A 56 23.29 16.81 -24.17
N GLN A 57 22.37 15.87 -24.38
CA GLN A 57 21.74 15.21 -23.24
C GLN A 57 22.72 14.28 -22.52
N LEU A 58 23.67 13.71 -23.25
CA LEU A 58 24.49 12.65 -22.67
C LEU A 58 25.56 13.22 -21.75
N PHE A 59 26.20 14.34 -22.14
CA PHE A 59 27.28 14.99 -21.38
C PHE A 59 26.93 15.12 -19.91
N PRO A 60 25.85 15.83 -19.53
CA PRO A 60 25.60 16.03 -18.10
C PRO A 60 25.19 14.75 -17.38
N LEU A 61 24.52 13.81 -18.03
CA LEU A 61 24.18 12.57 -17.33
C LEU A 61 25.44 11.77 -17.03
N ALA A 62 26.40 11.76 -17.95
CA ALA A 62 27.66 11.05 -17.73
C ALA A 62 28.46 11.73 -16.63
N LYS A 63 28.55 13.06 -16.65
CA LYS A 63 29.29 13.75 -15.60
C LYS A 63 28.68 13.51 -14.22
N GLU A 64 27.36 13.57 -14.13
CA GLU A 64 26.69 13.29 -12.85
C GLU A 64 27.05 11.90 -12.34
N PHE A 65 27.05 10.89 -13.23
CA PHE A 65 27.39 9.55 -12.80
C PHE A 65 28.87 9.42 -12.46
N ILE A 66 29.75 10.02 -13.27
CA ILE A 66 31.18 9.91 -12.99
C ILE A 66 31.50 10.56 -11.65
N ASP A 67 30.91 11.73 -11.38
CA ASP A 67 31.12 12.41 -10.09
C ASP A 67 30.68 11.53 -8.95
N GLN A 68 29.49 10.94 -9.04
CA GLN A 68 28.99 10.09 -7.98
C GLN A 68 29.90 8.89 -7.79
N TYR A 69 30.45 8.36 -8.88
CA TYR A 69 31.35 7.22 -8.76
C TYR A 69 32.65 7.63 -8.05
N TYR A 70 33.23 8.76 -8.43
CA TYR A 70 34.49 9.13 -7.80
C TYR A 70 34.29 9.56 -6.37
N SER A 71 33.12 10.12 -6.05
CA SER A 71 32.82 10.43 -4.66
C SER A 71 32.70 9.15 -3.83
N SER A 72 32.15 8.09 -4.42
CA SER A 72 31.98 6.85 -3.66
C SER A 72 33.30 6.19 -3.31
N ILE A 73 34.33 6.35 -4.13
CA ILE A 73 35.63 5.76 -3.83
C ILE A 73 36.55 6.77 -3.18
N LYS A 74 35.98 7.89 -2.72
CA LYS A 74 36.74 8.92 -1.98
C LYS A 74 37.88 9.50 -2.83
N ARG A 75 37.63 9.70 -4.11
CA ARG A 75 38.60 10.33 -5.00
C ARG A 75 37.99 11.50 -5.76
N PHE A 76 36.96 12.12 -5.21
CA PHE A 76 36.31 13.24 -5.87
C PHE A 76 37.28 14.41 -6.01
N GLY A 77 37.35 14.98 -7.20
CA GLY A 77 38.24 16.08 -7.45
C GLY A 77 39.66 15.64 -7.78
N SER A 78 39.94 14.35 -7.72
CA SER A 78 41.29 13.82 -7.94
C SER A 78 41.71 13.97 -9.40
N LYS A 79 43.00 13.73 -9.61
CA LYS A 79 43.55 13.67 -10.96
C LYS A 79 42.82 12.62 -11.81
N ALA A 80 42.67 11.40 -11.28
CA ALA A 80 41.97 10.35 -12.02
C ALA A 80 40.53 10.75 -12.34
N HIS A 81 39.88 11.45 -11.42
CA HIS A 81 38.51 11.90 -11.64
C HIS A 81 38.43 12.86 -12.81
N MET A 82 39.26 13.91 -12.81
CA MET A 82 39.22 14.91 -13.88
C MET A 82 39.65 14.31 -15.21
N GLU A 83 40.62 13.41 -15.20
CA GLU A 83 41.02 12.72 -16.42
C GLU A 83 39.90 11.84 -16.96
N ARG A 84 39.16 11.18 -16.06
CA ARG A 84 38.05 10.35 -16.51
C ARG A 84 36.95 11.22 -17.13
N LEU A 85 36.65 12.34 -16.47
CA LEU A 85 35.69 13.29 -17.02
C LEU A 85 36.10 13.76 -18.41
N GLU A 86 37.38 14.10 -18.59
CA GLU A 86 37.86 14.56 -19.89
C GLU A 86 37.80 13.46 -20.94
N GLU A 87 38.20 12.25 -20.57
CA GLU A 87 38.15 11.12 -21.49
C GLU A 87 36.71 10.81 -21.94
N VAL A 88 35.78 10.78 -20.99
CA VAL A 88 34.37 10.59 -21.34
C VAL A 88 33.88 11.73 -22.22
N ASN A 89 34.22 12.97 -21.87
CA ASN A 89 33.74 14.09 -22.65
C ASN A 89 34.21 14.01 -24.10
N LYS A 90 35.46 13.58 -24.30
CA LYS A 90 35.99 13.45 -25.67
C LYS A 90 35.34 12.28 -26.41
N GLU A 91 35.03 11.19 -25.70
CA GLU A 91 34.35 10.06 -26.33
C GLU A 91 32.96 10.46 -26.83
N ILE A 92 32.18 11.11 -25.98
CA ILE A 92 30.85 11.57 -26.40
C ILE A 92 30.97 12.54 -27.57
N ASP A 93 32.00 13.38 -27.55
CA ASP A 93 32.19 14.32 -28.65
C ASP A 93 32.42 13.62 -29.98
N THR A 94 33.34 12.65 -30.02
CA THR A 94 33.72 12.04 -31.28
C THR A 94 32.85 10.85 -31.68
N THR A 95 32.26 10.12 -30.73
CA THR A 95 31.47 8.93 -31.04
C THR A 95 30.00 9.04 -30.65
N SER A 96 29.59 10.13 -30.01
CA SER A 96 28.22 10.36 -29.53
C SER A 96 27.82 9.41 -28.41
N THR A 97 28.75 8.64 -27.87
CA THR A 97 28.47 7.74 -26.76
C THR A 97 29.76 7.57 -25.97
N TYR A 98 29.74 6.70 -24.96
CA TYR A 98 30.98 6.35 -24.29
C TYR A 98 30.81 4.96 -23.68
N GLN A 99 31.94 4.40 -23.24
CA GLN A 99 32.02 3.08 -22.65
C GLN A 99 32.40 3.21 -21.18
N LEU A 100 31.68 2.50 -20.32
CA LEU A 100 31.99 2.44 -18.90
C LEU A 100 33.18 1.54 -18.65
N LYS A 101 34.01 1.91 -17.68
CA LYS A 101 35.02 0.98 -17.19
C LYS A 101 34.32 -0.12 -16.41
N ASP A 102 35.04 -1.23 -16.22
CA ASP A 102 34.49 -2.37 -15.49
C ASP A 102 34.10 -1.99 -14.07
N THR A 103 34.96 -1.23 -13.38
CA THR A 103 34.62 -0.77 -12.03
C THR A 103 33.32 0.06 -12.02
N GLU A 104 33.16 0.93 -13.01
CA GLU A 104 32.00 1.80 -13.08
C GLU A 104 30.74 0.99 -13.37
N LEU A 105 30.86 0.00 -14.24
CA LEU A 105 29.72 -0.86 -14.57
C LEU A 105 29.26 -1.62 -13.33
N ILE A 106 30.21 -2.13 -12.56
CA ILE A 106 29.86 -2.87 -11.34
C ILE A 106 29.21 -1.94 -10.33
N TYR A 107 29.83 -0.78 -10.10
CA TYR A 107 29.25 0.22 -9.21
C TYR A 107 27.85 0.59 -9.67
N GLY A 108 27.65 0.78 -10.98
CA GLY A 108 26.35 1.22 -11.47
C GLY A 108 25.25 0.19 -11.28
N ALA A 109 25.59 -1.08 -11.49
CA ALA A 109 24.61 -2.17 -11.36
C ALA A 109 24.19 -2.36 -9.92
N LYS A 110 25.15 -2.35 -9.00
CA LYS A 110 24.81 -2.45 -7.58
C LYS A 110 23.95 -1.29 -7.15
N HIS A 111 24.20 -0.10 -7.68
CA HIS A 111 23.43 1.04 -7.22
C HIS A 111 22.06 1.12 -7.86
N ALA A 112 21.90 0.59 -9.07
CA ALA A 112 20.55 0.48 -9.60
C ALA A 112 19.71 -0.42 -8.71
N TRP A 113 20.31 -1.47 -8.16
CA TRP A 113 19.59 -2.31 -7.21
C TRP A 113 19.36 -1.55 -5.91
N ARG A 114 20.42 -0.93 -5.37
CA ARG A 114 20.31 -0.18 -4.14
C ARG A 114 19.21 0.90 -4.24
N ASN A 115 19.02 1.45 -5.44
CA ASN A 115 18.06 2.52 -5.68
C ASN A 115 16.68 2.02 -6.08
N ALA A 116 16.48 0.70 -6.15
CA ALA A 116 15.20 0.17 -6.63
C ALA A 116 14.16 0.31 -5.53
N SER A 117 13.28 1.33 -5.63
CA SER A 117 12.39 1.61 -4.50
CA SER A 117 12.35 1.65 -4.55
C SER A 117 11.40 0.49 -4.24
N ARG A 118 11.09 -0.33 -5.22
CA ARG A 118 10.10 -1.39 -5.02
C ARG A 118 10.69 -2.67 -4.47
N CYS A 119 11.98 -2.73 -4.16
CA CYS A 119 12.63 -3.99 -3.81
C CYS A 119 12.81 -4.10 -2.30
N VAL A 120 12.17 -5.10 -1.72
CA VAL A 120 12.32 -5.40 -0.29
C VAL A 120 13.60 -6.15 0.00
N GLY A 121 14.31 -6.61 -1.01
CA GLY A 121 15.49 -7.45 -0.82
C GLY A 121 16.82 -6.71 -0.80
N ARG A 122 16.80 -5.38 -0.76
CA ARG A 122 17.99 -4.57 -1.00
C ARG A 122 19.04 -4.59 0.11
N ILE A 123 18.79 -5.20 1.27
CA ILE A 123 19.86 -5.29 2.26
C ILE A 123 21.08 -5.99 1.66
N GLN A 124 20.89 -6.74 0.57
CA GLN A 124 21.89 -7.56 -0.08
C GLN A 124 22.60 -6.85 -1.22
N TRP A 125 22.29 -5.57 -1.46
CA TRP A 125 22.64 -4.92 -2.72
C TRP A 125 24.14 -4.95 -2.99
N SER A 126 24.97 -4.84 -1.95
CA SER A 126 26.40 -4.76 -2.24
C SER A 126 27.02 -6.11 -2.62
N LYS A 127 26.31 -7.21 -2.43
CA LYS A 127 26.84 -8.55 -2.68
C LYS A 127 26.53 -9.04 -4.11
N LEU A 128 25.99 -8.18 -4.97
CA LEU A 128 25.64 -8.56 -6.33
C LEU A 128 26.86 -8.98 -7.16
N GLN A 129 26.79 -10.15 -7.78
CA GLN A 129 27.83 -10.59 -8.71
C GLN A 129 27.47 -10.07 -10.11
N VAL A 130 28.38 -9.30 -10.71
CA VAL A 130 28.10 -8.61 -11.97
C VAL A 130 28.89 -9.30 -13.07
N PHE A 131 28.19 -9.76 -14.12
CA PHE A 131 28.84 -10.43 -15.25
C PHE A 131 28.82 -9.50 -16.45
N ASP A 132 30.00 -9.15 -16.94
CA ASP A 132 30.15 -8.22 -18.05
C ASP A 132 30.05 -9.02 -19.34
N ALA A 133 28.93 -8.87 -20.05
CA ALA A 133 28.72 -9.52 -21.33
C ALA A 133 28.69 -8.51 -22.47
N ARG A 134 29.44 -7.42 -22.34
CA ARG A 134 29.38 -6.38 -23.36
C ARG A 134 30.17 -6.74 -24.63
N ASP A 135 30.92 -7.84 -24.61
CA ASP A 135 31.58 -8.34 -25.83
C ASP A 135 30.70 -9.28 -26.65
N CYS A 136 29.47 -9.55 -26.22
CA CYS A 136 28.59 -10.47 -26.92
C CYS A 136 28.13 -9.90 -28.26
N THR A 137 28.05 -10.75 -29.29
CA THR A 137 27.59 -10.29 -30.59
C THR A 137 26.40 -11.04 -31.14
N THR A 138 26.09 -12.24 -30.66
CA THR A 138 25.05 -13.06 -31.28
C THR A 138 24.15 -13.66 -30.22
N ALA A 139 23.01 -14.15 -30.69
CA ALA A 139 22.06 -14.76 -29.77
C ALA A 139 22.62 -16.04 -29.17
N HIS A 140 23.43 -16.78 -29.93
CA HIS A 140 24.10 -17.95 -29.36
C HIS A 140 25.01 -17.54 -28.22
N GLY A 141 25.72 -16.41 -28.35
CA GLY A 141 26.58 -15.97 -27.27
C GLY A 141 25.78 -15.50 -26.06
N MET A 142 24.66 -14.82 -26.31
CA MET A 142 23.74 -14.48 -25.21
C MET A 142 23.29 -15.73 -24.49
N PHE A 143 22.95 -16.78 -25.24
CA PHE A 143 22.50 -18.01 -24.60
C PHE A 143 23.59 -18.56 -23.68
N ASN A 144 24.83 -18.55 -24.15
CA ASN A 144 25.96 -18.99 -23.35
C ASN A 144 26.08 -18.16 -22.07
N TYR A 145 26.04 -16.83 -22.19
CA TYR A 145 26.13 -15.98 -21.01
C TYR A 145 24.98 -16.22 -20.04
N ILE A 146 23.77 -16.46 -20.55
CA ILE A 146 22.61 -16.64 -19.69
C ILE A 146 22.70 -17.97 -18.95
N CYS A 147 23.12 -19.04 -19.66
CA CYS A 147 23.30 -20.32 -19.02
C CYS A 147 24.31 -20.26 -17.90
N ASN A 148 25.43 -19.59 -18.15
CA ASN A 148 26.43 -19.42 -17.10
C ASN A 148 25.86 -18.64 -15.92
N HIS A 149 25.09 -17.59 -16.20
CA HIS A 149 24.42 -16.84 -15.13
C HIS A 149 23.53 -17.77 -14.31
N VAL A 150 22.66 -18.52 -14.99
CA VAL A 150 21.72 -19.39 -14.27
C VAL A 150 22.48 -20.37 -13.39
N LYS A 151 23.52 -21.00 -13.94
CA LYS A 151 24.27 -21.99 -13.19
C LYS A 151 24.98 -21.36 -11.99
N TYR A 152 25.60 -20.19 -12.18
CA TYR A 152 26.25 -19.52 -11.06
C TYR A 152 25.24 -19.10 -9.99
N ALA A 153 24.11 -18.52 -10.40
CA ALA A 153 23.15 -18.00 -9.43
C ALA A 153 22.45 -19.12 -8.67
N THR A 154 22.18 -20.23 -9.35
CA THR A 154 21.49 -21.34 -8.71
C THR A 154 22.37 -22.00 -7.66
N ASN A 155 23.62 -22.32 -8.02
CA ASN A 155 24.62 -22.80 -7.05
C ASN A 155 24.07 -23.98 -6.23
N LYS A 156 23.41 -24.91 -6.92
CA LYS A 156 22.88 -26.13 -6.30
C LYS A 156 21.88 -25.86 -5.19
N GLY A 157 21.19 -24.71 -5.22
CA GLY A 157 20.23 -24.34 -4.18
C GLY A 157 20.71 -23.25 -3.26
N ASN A 158 22.01 -23.00 -3.20
CA ASN A 158 22.55 -21.92 -2.36
C ASN A 158 22.63 -20.65 -3.20
N LEU A 159 21.46 -20.06 -3.44
CA LEU A 159 21.35 -19.05 -4.48
C LEU A 159 22.18 -17.81 -4.17
N ARG A 160 22.71 -17.22 -5.23
CA ARG A 160 23.56 -16.04 -5.17
C ARG A 160 22.99 -15.01 -6.13
N SER A 161 22.85 -13.76 -5.68
CA SER A 161 22.30 -12.72 -6.57
C SER A 161 23.30 -12.42 -7.70
N ALA A 162 22.78 -12.14 -8.88
CA ALA A 162 23.68 -11.92 -10.01
C ALA A 162 22.98 -11.11 -11.08
N ILE A 163 23.78 -10.44 -11.90
CA ILE A 163 23.28 -9.73 -13.07
C ILE A 163 24.26 -9.93 -14.23
N THR A 164 23.73 -10.07 -15.44
CA THR A 164 24.54 -10.19 -16.65
C THR A 164 24.15 -9.05 -17.57
N ILE A 165 25.14 -8.29 -18.03
CA ILE A 165 24.88 -7.04 -18.72
C ILE A 165 25.39 -7.16 -20.16
N PHE A 166 24.48 -7.08 -21.10
CA PHE A 166 24.77 -7.14 -22.53
C PHE A 166 25.04 -5.74 -23.07
N PRO A 167 25.53 -5.63 -24.32
CA PRO A 167 25.91 -4.32 -24.85
C PRO A 167 24.80 -3.29 -24.79
N GLN A 168 25.21 -2.04 -24.55
CA GLN A 168 24.29 -0.94 -24.39
C GLN A 168 23.65 -0.57 -25.72
N ARG A 169 22.55 0.16 -25.62
CA ARG A 169 21.86 0.68 -26.79
C ARG A 169 22.75 1.67 -27.54
N THR A 170 22.68 1.63 -28.87
CA THR A 170 23.44 2.55 -29.70
C THR A 170 22.41 3.43 -30.40
N ASP A 171 21.99 3.11 -31.62
CA ASP A 171 21.00 3.92 -32.31
C ASP A 171 19.57 3.47 -32.05
N GLY A 172 19.36 2.46 -31.21
CA GLY A 172 18.02 1.95 -30.95
C GLY A 172 17.52 0.94 -31.95
N LYS A 173 18.27 0.70 -33.03
CA LYS A 173 17.95 -0.33 -34.00
C LYS A 173 18.87 -1.53 -33.87
N HIS A 174 19.71 -1.57 -32.84
CA HIS A 174 20.60 -2.69 -32.61
C HIS A 174 20.50 -3.19 -31.17
N ASP A 175 19.31 -3.09 -30.58
CA ASP A 175 19.15 -3.47 -29.19
C ASP A 175 19.40 -4.96 -28.99
N PHE A 176 20.04 -5.28 -27.87
CA PHE A 176 19.98 -6.63 -27.31
C PHE A 176 18.75 -6.70 -26.42
N ARG A 177 17.97 -7.78 -26.56
CA ARG A 177 16.80 -7.96 -25.73
C ARG A 177 16.64 -9.43 -25.37
N VAL A 178 16.28 -9.69 -24.13
CA VAL A 178 15.68 -10.97 -23.76
C VAL A 178 14.17 -10.79 -23.83
N TRP A 179 13.51 -11.50 -24.75
CA TRP A 179 12.08 -11.31 -24.95
C TRP A 179 11.27 -11.89 -23.78
N ASN A 180 11.81 -12.90 -23.11
CA ASN A 180 11.19 -13.41 -21.90
C ASN A 180 11.14 -12.33 -20.84
N SER A 181 10.08 -12.35 -20.02
CA SER A 181 10.00 -11.42 -18.91
C SER A 181 10.84 -11.90 -17.74
N GLN A 182 10.97 -13.21 -17.58
CA GLN A 182 11.90 -13.82 -16.65
C GLN A 182 12.61 -14.96 -17.37
N LEU A 183 13.85 -15.25 -16.95
CA LEU A 183 14.61 -16.31 -17.61
C LEU A 183 13.91 -17.66 -17.48
N ILE A 184 13.30 -17.94 -16.34
CA ILE A 184 12.61 -19.20 -16.10
C ILE A 184 11.14 -18.91 -15.77
N ARG A 185 10.25 -19.34 -16.65
CA ARG A 185 8.81 -19.21 -16.45
C ARG A 185 8.13 -20.41 -17.09
N TYR A 186 6.95 -20.75 -16.57
CA TYR A 186 6.17 -21.83 -17.16
C TYR A 186 5.24 -21.29 -18.24
N ALA A 187 5.04 -22.11 -19.27
CA ALA A 187 4.13 -21.77 -20.35
C ALA A 187 2.68 -21.76 -19.88
N GLY A 188 1.87 -20.96 -20.56
CA GLY A 188 0.41 -21.00 -20.42
C GLY A 188 -0.24 -21.23 -21.76
N TYR A 189 -1.21 -22.12 -21.79
CA TYR A 189 -1.85 -22.53 -23.03
C TYR A 189 -3.33 -22.24 -22.94
N LYS A 190 -3.82 -21.38 -23.83
CA LYS A 190 -5.26 -21.16 -23.96
C LYS A 190 -5.88 -22.32 -24.72
N GLN A 191 -6.95 -22.87 -24.19
CA GLN A 191 -7.65 -23.98 -24.80
C GLN A 191 -8.81 -23.48 -25.67
N PRO A 192 -9.25 -24.27 -26.64
CA PRO A 192 -10.43 -23.88 -27.43
C PRO A 192 -11.66 -23.57 -26.59
N ASP A 193 -11.83 -24.23 -25.44
CA ASP A 193 -13.03 -24.03 -24.64
C ASP A 193 -12.93 -22.86 -23.70
N GLY A 194 -11.82 -22.11 -23.73
CA GLY A 194 -11.65 -20.93 -22.93
C GLY A 194 -10.81 -21.11 -21.69
N SER A 195 -10.60 -22.35 -21.23
CA SER A 195 -9.76 -22.57 -20.06
C SER A 195 -8.29 -22.37 -20.42
N THR A 196 -7.44 -22.40 -19.39
CA THR A 196 -6.01 -22.25 -19.55
C THR A 196 -5.31 -23.37 -18.80
N LEU A 197 -4.29 -23.94 -19.43
CA LEU A 197 -3.42 -24.91 -18.79
C LEU A 197 -2.06 -24.27 -18.54
N GLY A 198 -1.51 -24.49 -17.35
CA GLY A 198 -0.23 -23.88 -16.99
C GLY A 198 -0.40 -22.52 -16.36
N ASP A 199 0.46 -21.57 -16.71
CA ASP A 199 0.49 -20.26 -16.07
C ASP A 199 -0.26 -19.25 -16.93
N PRO A 200 -1.44 -18.78 -16.51
CA PRO A 200 -2.23 -17.86 -17.37
C PRO A 200 -1.54 -16.55 -17.65
N ALA A 201 -0.64 -16.10 -16.77
CA ALA A 201 0.14 -14.89 -17.04
C ALA A 201 0.94 -14.98 -18.33
N ASN A 202 1.30 -16.18 -18.76
CA ASN A 202 2.28 -16.32 -19.85
C ASN A 202 1.66 -16.75 -21.16
N VAL A 203 0.34 -16.61 -21.32
CA VAL A 203 -0.30 -17.10 -22.53
C VAL A 203 0.24 -16.36 -23.75
N GLN A 204 0.42 -15.04 -23.63
CA GLN A 204 0.82 -14.27 -24.81
C GLN A 204 2.23 -14.61 -25.23
N PHE A 205 3.16 -14.69 -24.27
CA PHE A 205 4.53 -15.03 -24.63
C PHE A 205 4.63 -16.46 -25.15
N THR A 206 3.92 -17.40 -24.51
CA THR A 206 3.88 -18.76 -25.00
C THR A 206 3.46 -18.81 -26.46
N GLU A 207 2.45 -18.01 -26.84
CA GLU A 207 2.01 -18.00 -28.23
C GLU A 207 3.08 -17.47 -29.16
N ILE A 208 3.82 -16.44 -28.74
CA ILE A 208 4.93 -15.94 -29.54
C ILE A 208 5.96 -17.05 -29.78
N CYS A 209 6.34 -17.76 -28.71
CA CYS A 209 7.32 -18.84 -28.86
C CYS A 209 6.83 -19.90 -29.83
N ILE A 210 5.55 -20.27 -29.74
CA ILE A 210 5.01 -21.30 -30.61
C ILE A 210 5.09 -20.84 -32.06
N GLN A 211 4.74 -19.58 -32.32
CA GLN A 211 4.89 -19.04 -33.67
C GLN A 211 6.34 -19.03 -34.12
N GLN A 212 7.28 -18.78 -33.20
CA GLN A 212 8.69 -18.77 -33.60
C GLN A 212 9.24 -20.16 -33.87
N GLY A 213 8.46 -21.22 -33.65
CA GLY A 213 8.91 -22.57 -33.94
C GLY A 213 8.99 -23.50 -32.74
N TRP A 214 8.74 -23.02 -31.52
CA TRP A 214 8.80 -23.88 -30.35
C TRP A 214 7.71 -24.95 -30.40
N LYS A 215 8.12 -26.21 -30.27
CA LYS A 215 7.15 -27.30 -30.18
C LYS A 215 6.74 -27.48 -28.73
N PRO A 216 5.52 -27.10 -28.33
CA PRO A 216 5.17 -27.11 -26.91
C PRO A 216 4.76 -28.49 -26.45
N PRO A 217 5.30 -28.98 -25.33
CA PRO A 217 4.84 -30.27 -24.80
C PRO A 217 3.43 -30.22 -24.22
N ARG A 218 2.90 -29.04 -23.93
CA ARG A 218 1.53 -28.86 -23.44
C ARG A 218 1.29 -29.61 -22.13
N GLY A 219 2.03 -29.20 -21.11
CA GLY A 219 1.85 -29.66 -19.74
C GLY A 219 1.61 -28.52 -18.77
N ARG A 220 1.62 -28.82 -17.48
CA ARG A 220 1.27 -27.79 -16.50
C ARG A 220 2.46 -26.91 -16.13
N PHE A 221 3.67 -27.45 -16.25
CA PHE A 221 4.90 -26.81 -15.81
C PHE A 221 5.97 -26.97 -16.89
N ASP A 222 5.69 -26.41 -18.08
CA ASP A 222 6.64 -26.44 -19.19
C ASP A 222 7.49 -25.19 -19.16
N VAL A 223 8.78 -25.36 -18.87
CA VAL A 223 9.70 -24.23 -18.89
C VAL A 223 9.77 -23.68 -20.30
N LEU A 224 9.57 -22.40 -20.43
CA LEU A 224 9.58 -21.75 -21.70
C LEU A 224 11.01 -21.63 -22.22
N PRO A 225 11.19 -21.65 -23.54
CA PRO A 225 12.52 -21.42 -24.10
C PRO A 225 12.89 -19.96 -23.99
N LEU A 226 14.18 -19.71 -24.11
CA LEU A 226 14.68 -18.35 -24.21
C LEU A 226 14.46 -17.85 -25.62
N LEU A 227 14.03 -16.59 -25.73
CA LEU A 227 13.84 -15.93 -27.02
C LEU A 227 14.75 -14.72 -26.98
N LEU A 228 15.84 -14.76 -27.75
CA LEU A 228 17.00 -13.92 -27.52
C LEU A 228 17.31 -13.10 -28.76
N GLN A 229 17.48 -11.79 -28.57
CA GLN A 229 17.68 -10.86 -29.67
C GLN A 229 19.03 -10.19 -29.45
N ALA A 230 19.92 -10.33 -30.43
CA ALA A 230 21.24 -9.71 -30.39
C ALA A 230 21.35 -8.69 -31.50
N ASN A 231 21.87 -7.51 -31.17
CA ASN A 231 22.23 -6.52 -32.16
C ASN A 231 21.05 -6.12 -33.04
N GLY A 232 19.84 -6.12 -32.49
CA GLY A 232 18.67 -5.79 -33.27
C GLY A 232 18.21 -6.83 -34.27
N ASN A 233 18.86 -7.99 -34.35
CA ASN A 233 18.40 -9.03 -35.26
C ASN A 233 17.12 -9.70 -34.74
N ASP A 234 16.49 -10.47 -35.61
CA ASP A 234 15.31 -11.21 -35.21
C ASP A 234 15.67 -12.11 -34.03
N PRO A 235 14.79 -12.25 -33.05
CA PRO A 235 15.12 -13.08 -31.89
C PRO A 235 15.16 -14.55 -32.27
N GLU A 236 15.88 -15.33 -31.46
CA GLU A 236 16.11 -16.73 -31.75
C GLU A 236 15.84 -17.57 -30.51
N LEU A 237 15.36 -18.79 -30.74
CA LEU A 237 14.92 -19.68 -29.69
C LEU A 237 16.02 -20.60 -29.20
N PHE A 238 16.12 -20.75 -27.88
CA PHE A 238 17.04 -21.67 -27.22
C PHE A 238 16.33 -22.32 -26.04
N GLN A 239 16.58 -23.60 -25.83
CA GLN A 239 16.06 -24.32 -24.68
C GLN A 239 17.10 -24.33 -23.57
N ILE A 240 16.70 -23.89 -22.39
CA ILE A 240 17.61 -24.00 -21.24
C ILE A 240 17.78 -25.47 -20.87
N PRO A 241 19.01 -25.95 -20.69
CA PRO A 241 19.20 -27.34 -20.29
C PRO A 241 18.46 -27.63 -18.99
N PRO A 242 17.61 -28.64 -18.96
CA PRO A 242 16.77 -28.89 -17.77
C PRO A 242 17.57 -29.05 -16.49
N GLU A 243 18.78 -29.61 -16.57
CA GLU A 243 19.61 -29.76 -15.37
C GLU A 243 20.01 -28.42 -14.77
N LEU A 244 19.91 -27.33 -15.53
CA LEU A 244 20.18 -26.00 -14.99
C LEU A 244 18.96 -25.36 -14.35
N VAL A 245 17.78 -25.96 -14.47
CA VAL A 245 16.55 -25.39 -13.94
C VAL A 245 16.23 -26.12 -12.65
N LEU A 246 16.60 -25.51 -11.52
CA LEU A 246 16.31 -26.13 -10.23
C LEU A 246 14.83 -25.96 -9.92
N GLU A 247 14.15 -27.07 -9.63
CA GLU A 247 12.73 -27.04 -9.28
C GLU A 247 12.49 -27.70 -7.92
N VAL A 248 11.43 -27.27 -7.25
CA VAL A 248 11.06 -27.72 -5.92
C VAL A 248 9.65 -28.29 -5.98
N PRO A 249 9.44 -29.57 -5.70
CA PRO A 249 8.07 -30.10 -5.57
C PRO A 249 7.43 -29.54 -4.30
N ILE A 250 6.19 -29.09 -4.41
CA ILE A 250 5.52 -28.42 -3.31
C ILE A 250 4.75 -29.46 -2.49
N ARG A 251 5.16 -29.65 -1.24
CA ARG A 251 4.41 -30.45 -0.28
C ARG A 251 4.19 -29.64 0.99
N HIS A 252 3.35 -30.17 1.87
CA HIS A 252 2.94 -29.53 3.10
C HIS A 252 3.38 -30.37 4.28
N PRO A 253 3.82 -29.74 5.38
CA PRO A 253 4.32 -30.54 6.51
C PRO A 253 3.23 -31.35 7.22
N LYS A 254 1.98 -30.87 7.23
CA LYS A 254 0.89 -31.58 7.89
C LYS A 254 -0.05 -32.29 6.93
N PHE A 255 -0.38 -31.68 5.80
CA PHE A 255 -1.39 -32.22 4.89
C PHE A 255 -0.71 -33.16 3.90
N GLU A 256 -0.84 -34.47 4.15
CA GLU A 256 -0.26 -35.47 3.25
C GLU A 256 -0.81 -35.35 1.84
N TRP A 257 -2.05 -34.88 1.70
CA TRP A 257 -2.65 -34.80 0.36
C TRP A 257 -2.09 -33.65 -0.47
N PHE A 258 -1.31 -32.75 0.13
CA PHE A 258 -0.85 -31.59 -0.62
C PHE A 258 0.06 -31.99 -1.78
N LYS A 259 0.94 -32.98 -1.55
CA LYS A 259 1.80 -33.44 -2.64
C LYS A 259 0.99 -33.98 -3.81
N ASP A 260 -0.21 -34.51 -3.55
CA ASP A 260 -1.03 -35.04 -4.63
C ASP A 260 -1.54 -33.97 -5.57
N LEU A 261 -1.47 -32.69 -5.20
CA LEU A 261 -1.85 -31.63 -6.14
C LEU A 261 -0.88 -31.51 -7.31
N GLY A 262 0.27 -32.17 -7.25
CA GLY A 262 1.23 -32.19 -8.34
C GLY A 262 1.93 -30.88 -8.62
N LEU A 263 2.01 -29.99 -7.64
CA LEU A 263 2.58 -28.69 -7.91
C LEU A 263 4.08 -28.70 -7.69
N LYS A 264 4.74 -27.76 -8.35
CA LYS A 264 6.15 -27.50 -8.16
C LYS A 264 6.41 -26.08 -8.61
N TRP A 265 7.59 -25.58 -8.29
CA TRP A 265 7.98 -24.27 -8.76
C TRP A 265 9.50 -24.24 -8.98
N TYR A 266 9.95 -23.31 -9.80
CA TYR A 266 11.38 -23.18 -10.02
C TYR A 266 12.02 -22.34 -8.92
N GLY A 267 13.31 -22.57 -8.68
CA GLY A 267 13.96 -21.93 -7.56
C GLY A 267 14.48 -20.54 -7.82
N LEU A 268 14.76 -20.20 -9.08
CA LEU A 268 15.51 -18.98 -9.40
C LEU A 268 14.62 -17.91 -9.97
N PRO A 269 14.35 -16.82 -9.26
CA PRO A 269 13.60 -15.71 -9.87
C PRO A 269 14.56 -14.81 -10.62
N ALA A 270 14.35 -14.57 -11.91
CA ALA A 270 15.34 -13.90 -12.74
C ALA A 270 14.63 -12.97 -13.71
N VAL A 271 14.54 -11.69 -13.35
CA VAL A 271 13.90 -10.70 -14.20
C VAL A 271 14.79 -10.41 -15.41
N SER A 272 14.20 -10.46 -16.60
CA SER A 272 14.96 -10.26 -17.82
C SER A 272 14.35 -9.25 -18.78
N ASN A 273 13.34 -8.48 -18.38
CA ASN A 273 12.75 -7.52 -19.31
C ASN A 273 12.99 -6.08 -18.92
N MET A 274 13.85 -5.82 -17.94
CA MET A 274 14.02 -4.45 -17.49
C MET A 274 15.22 -3.82 -18.16
N LEU A 275 15.26 -2.49 -18.09
CA LEU A 275 16.32 -1.69 -18.67
C LEU A 275 17.16 -1.10 -17.56
N LEU A 276 18.48 -1.21 -17.69
CA LEU A 276 19.40 -0.68 -16.69
C LEU A 276 20.02 0.61 -17.25
N GLU A 277 19.83 1.71 -16.55
CA GLU A 277 20.34 3.01 -17.00
C GLU A 277 21.46 3.44 -16.06
N ILE A 278 22.65 3.64 -16.63
CA ILE A 278 23.85 4.05 -15.89
C ILE A 278 24.48 5.21 -16.64
N GLY A 279 24.51 6.38 -15.99
CA GLY A 279 25.16 7.55 -16.58
C GLY A 279 24.66 7.91 -17.97
N GLY A 280 23.35 7.82 -18.19
CA GLY A 280 22.78 8.05 -19.49
C GLY A 280 22.93 6.93 -20.50
N LEU A 281 23.67 5.87 -20.19
CA LEU A 281 23.74 4.72 -21.08
C LEU A 281 22.62 3.73 -20.76
N GLU A 282 22.12 3.06 -21.79
CA GLU A 282 20.93 2.22 -21.69
C GLU A 282 21.29 0.78 -22.02
N PHE A 283 21.19 -0.10 -21.01
CA PHE A 283 21.45 -1.52 -21.18
C PHE A 283 20.08 -2.22 -21.21
N SER A 284 19.57 -2.43 -22.42
CA SER A 284 18.25 -2.99 -22.64
C SER A 284 18.18 -4.49 -22.35
N ALA A 285 19.32 -5.17 -22.18
CA ALA A 285 19.32 -6.58 -21.80
C ALA A 285 20.27 -6.73 -20.62
N CYS A 286 19.71 -7.00 -19.44
CA CYS A 286 20.46 -6.98 -18.19
C CYS A 286 19.80 -7.90 -17.18
N PRO A 287 19.62 -9.18 -17.52
CA PRO A 287 18.89 -10.09 -16.62
C PRO A 287 19.55 -10.21 -15.25
N PHE A 288 18.74 -10.15 -14.20
CA PHE A 288 19.25 -10.20 -12.85
C PHE A 288 18.41 -11.16 -12.03
N SER A 289 19.03 -11.76 -11.03
CA SER A 289 18.35 -12.82 -10.29
C SER A 289 18.73 -12.72 -8.81
N GLY A 290 17.83 -13.21 -7.98
CA GLY A 290 18.03 -13.19 -6.54
C GLY A 290 17.57 -14.51 -5.97
N TRP A 291 16.76 -14.45 -4.91
CA TRP A 291 16.02 -15.62 -4.46
C TRP A 291 14.62 -15.15 -4.06
N TYR A 292 13.71 -16.10 -3.96
CA TYR A 292 12.31 -15.77 -3.75
C TYR A 292 12.02 -15.37 -2.30
N MET A 293 11.11 -14.42 -2.18
CA MET A 293 10.27 -14.34 -0.99
C MET A 293 9.11 -15.29 -1.19
N GLY A 294 8.77 -16.05 -0.16
CA GLY A 294 7.75 -17.08 -0.30
C GLY A 294 6.44 -16.58 -0.90
N THR A 295 5.99 -15.41 -0.46
CA THR A 295 4.70 -14.88 -0.96
C THR A 295 4.74 -14.57 -2.44
N GLU A 296 5.92 -14.42 -3.05
CA GLU A 296 5.95 -14.19 -4.49
C GLU A 296 5.48 -15.44 -5.24
N ILE A 297 5.69 -16.62 -4.67
CA ILE A 297 5.14 -17.85 -5.22
C ILE A 297 3.77 -18.14 -4.64
N GLY A 298 3.67 -18.18 -3.29
CA GLY A 298 2.51 -18.76 -2.64
C GLY A 298 1.26 -17.90 -2.64
N VAL A 299 1.41 -16.59 -2.64
CA VAL A 299 0.26 -15.71 -2.73
C VAL A 299 -0.06 -15.35 -4.18
N ARG A 300 0.96 -14.94 -4.93
CA ARG A 300 0.77 -14.37 -6.26
C ARG A 300 0.77 -15.44 -7.36
N ASP A 301 1.85 -16.23 -7.44
CA ASP A 301 2.02 -17.24 -8.49
C ASP A 301 1.00 -18.36 -8.43
N TYR A 302 0.32 -18.56 -7.30
CA TYR A 302 -0.63 -19.65 -7.13
C TYR A 302 -2.05 -19.18 -6.88
N CYS A 303 -2.23 -18.09 -6.12
CA CYS A 303 -3.53 -17.67 -5.63
C CYS A 303 -4.09 -16.42 -6.31
N ASP A 304 -3.32 -15.75 -7.17
CA ASP A 304 -3.93 -14.75 -8.02
C ASP A 304 -4.99 -15.42 -8.90
N ASN A 305 -6.13 -14.74 -9.05
CA ASN A 305 -7.24 -15.32 -9.82
C ASN A 305 -6.85 -15.58 -11.27
N SER A 306 -6.13 -14.64 -11.89
CA SER A 306 -5.61 -14.83 -13.25
C SER A 306 -4.22 -15.47 -13.25
N ARG A 307 -3.91 -16.28 -12.24
CA ARG A 307 -2.72 -17.13 -12.26
C ARG A 307 -3.16 -18.59 -12.05
N TYR A 308 -2.42 -19.36 -11.24
CA TYR A 308 -2.73 -20.77 -11.11
C TYR A 308 -4.02 -21.04 -10.35
N ASN A 309 -4.46 -20.10 -9.50
CA ASN A 309 -5.81 -20.07 -8.93
C ASN A 309 -6.23 -21.42 -8.33
N ILE A 310 -5.49 -21.85 -7.32
CA ILE A 310 -5.68 -23.15 -6.68
C ILE A 310 -6.22 -23.02 -5.27
N LEU A 311 -6.58 -21.81 -4.85
CA LEU A 311 -7.26 -21.61 -3.57
C LEU A 311 -8.50 -22.49 -3.48
N GLU A 312 -9.26 -22.52 -4.57
CA GLU A 312 -10.41 -23.42 -4.68
C GLU A 312 -10.03 -24.83 -4.28
N GLU A 313 -9.08 -25.43 -5.02
CA GLU A 313 -8.79 -26.85 -4.83
C GLU A 313 -8.17 -27.13 -3.48
N VAL A 314 -7.37 -26.21 -2.95
CA VAL A 314 -6.84 -26.40 -1.60
C VAL A 314 -7.97 -26.29 -0.57
N ALA A 315 -8.84 -25.28 -0.72
CA ALA A 315 -9.95 -25.14 0.21
C ALA A 315 -10.85 -26.37 0.20
N LYS A 316 -11.02 -26.99 -0.97
CA LYS A 316 -11.84 -28.20 -1.06
C LYS A 316 -11.22 -29.36 -0.28
N LYS A 317 -9.91 -29.59 -0.47
CA LYS A 317 -9.21 -30.64 0.28
C LYS A 317 -9.12 -30.31 1.77
N MET A 318 -9.17 -29.03 2.13
CA MET A 318 -9.28 -28.64 3.53
C MET A 318 -10.70 -28.74 4.07
N ASN A 319 -11.67 -29.07 3.21
CA ASN A 319 -13.08 -29.17 3.61
C ASN A 319 -13.54 -27.90 4.31
N LEU A 320 -13.27 -26.76 3.67
CA LEU A 320 -13.68 -25.46 4.20
C LEU A 320 -15.08 -25.10 3.70
N ASP A 321 -15.82 -24.39 4.54
CA ASP A 321 -17.08 -23.77 4.14
C ASP A 321 -16.81 -22.71 3.08
N MET A 322 -16.98 -23.05 1.80
CA MET A 322 -16.74 -22.11 0.72
C MET A 322 -17.99 -21.35 0.29
N ARG A 323 -19.08 -21.44 1.06
CA ARG A 323 -20.33 -20.80 0.66
C ARG A 323 -20.29 -19.29 0.88
N LYS A 324 -19.88 -18.84 2.07
CA LYS A 324 -19.85 -17.43 2.40
C LYS A 324 -18.42 -16.96 2.59
N THR A 325 -18.14 -15.73 2.15
CA THR A 325 -16.80 -15.18 2.26
C THR A 325 -16.39 -14.94 3.70
N SER A 326 -17.35 -14.70 4.58
CA SER A 326 -17.01 -14.40 5.97
C SER A 326 -16.52 -15.64 6.72
N SER A 327 -16.49 -16.81 6.09
CA SER A 327 -15.76 -17.94 6.65
C SER A 327 -14.25 -17.75 6.52
N LEU A 328 -13.81 -16.83 5.67
CA LEU A 328 -12.38 -16.56 5.39
C LEU A 328 -11.69 -17.82 4.88
N TRP A 329 -12.43 -18.64 4.13
CA TRP A 329 -11.84 -19.85 3.55
C TRP A 329 -10.70 -19.51 2.61
N LYS A 330 -10.78 -18.37 1.91
CA LYS A 330 -9.69 -17.98 1.02
C LYS A 330 -8.45 -17.62 1.82
N ASP A 331 -8.63 -16.85 2.90
CA ASP A 331 -7.49 -16.46 3.73
C ASP A 331 -6.84 -17.69 4.33
N GLN A 332 -7.65 -18.65 4.77
CA GLN A 332 -7.13 -19.85 5.41
C GLN A 332 -6.35 -20.71 4.44
N ALA A 333 -6.87 -20.88 3.22
CA ALA A 333 -6.12 -21.65 2.21
C ALA A 333 -4.84 -20.93 1.80
N LEU A 334 -4.91 -19.60 1.67
CA LEU A 334 -3.72 -18.83 1.30
C LEU A 334 -2.57 -19.08 2.27
N VAL A 335 -2.87 -19.15 3.58
CA VAL A 335 -1.81 -19.37 4.56
C VAL A 335 -1.18 -20.75 4.37
N GLU A 336 -2.02 -21.78 4.25
CA GLU A 336 -1.49 -23.14 4.12
C GLU A 336 -0.60 -23.28 2.89
N ILE A 337 -0.99 -22.65 1.78
CA ILE A 337 -0.17 -22.70 0.58
C ILE A 337 1.16 -22.03 0.83
N ASN A 338 1.16 -20.91 1.53
CA ASN A 338 2.44 -20.27 1.79
C ASN A 338 3.27 -21.06 2.80
N ILE A 339 2.62 -21.81 3.68
CA ILE A 339 3.35 -22.69 4.58
C ILE A 339 4.03 -23.80 3.80
N ALA A 340 3.30 -24.38 2.84
CA ALA A 340 3.84 -25.48 2.04
C ALA A 340 5.01 -25.01 1.19
N VAL A 341 4.89 -23.83 0.59
CA VAL A 341 5.95 -23.32 -0.28
C VAL A 341 7.23 -23.10 0.51
N LEU A 342 7.12 -22.48 1.68
CA LEU A 342 8.31 -22.27 2.51
C LEU A 342 8.89 -23.60 2.99
N TYR A 343 8.02 -24.51 3.43
CA TYR A 343 8.49 -25.82 3.89
C TYR A 343 9.18 -26.58 2.77
N SER A 344 8.61 -26.53 1.56
CA SER A 344 9.16 -27.31 0.47
C SER A 344 10.54 -26.81 0.05
N PHE A 345 10.73 -25.48 0.03
CA PHE A 345 12.04 -24.93 -0.33
C PHE A 345 13.08 -25.21 0.73
N GLN A 346 12.72 -25.05 2.00
CA GLN A 346 13.70 -25.27 3.06
C GLN A 346 14.10 -26.74 3.13
N SER A 347 13.14 -27.63 2.94
CA SER A 347 13.42 -29.06 2.97
C SER A 347 14.42 -29.47 1.89
N ASP A 348 14.29 -28.90 0.69
CA ASP A 348 15.20 -29.18 -0.41
C ASP A 348 16.44 -28.29 -0.39
N LYS A 349 16.61 -27.49 0.67
CA LYS A 349 17.76 -26.60 0.83
C LYS A 349 17.94 -25.67 -0.37
N VAL A 350 16.85 -25.00 -0.74
CA VAL A 350 16.86 -23.98 -1.78
C VAL A 350 16.54 -22.65 -1.11
N THR A 351 17.42 -21.67 -1.29
CA THR A 351 17.26 -20.42 -0.57
C THR A 351 15.87 -19.82 -0.82
N ILE A 352 15.22 -19.43 0.28
CA ILE A 352 13.95 -18.73 0.22
C ILE A 352 13.87 -17.92 1.49
N VAL A 353 13.07 -16.86 1.48
CA VAL A 353 12.92 -16.02 2.65
C VAL A 353 11.42 -15.79 2.87
N ASP A 354 10.98 -15.89 4.13
CA ASP A 354 9.58 -15.60 4.39
C ASP A 354 9.38 -14.10 4.50
N HIS A 355 8.12 -13.67 4.33
CA HIS A 355 7.84 -12.24 4.33
C HIS A 355 8.09 -11.59 5.70
N HIS A 356 8.01 -12.34 6.79
CA HIS A 356 8.33 -11.77 8.11
C HIS A 356 9.82 -11.43 8.20
N SER A 357 10.68 -12.37 7.80
CA SER A 357 12.12 -12.12 7.86
CA SER A 357 12.12 -12.12 7.86
C SER A 357 12.55 -11.07 6.85
N ALA A 358 11.99 -11.11 5.62
CA ALA A 358 12.37 -10.15 4.61
C ALA A 358 11.99 -8.72 5.01
N THR A 359 10.78 -8.52 5.54
CA THR A 359 10.38 -7.16 5.90
C THR A 359 11.18 -6.67 7.10
N GLU A 360 11.46 -7.55 8.05
CA GLU A 360 12.32 -7.16 9.17
C GLU A 360 13.72 -6.78 8.70
N SER A 361 14.31 -7.56 7.80
CA SER A 361 15.62 -7.17 7.26
CA SER A 361 15.61 -7.18 7.25
C SER A 361 15.52 -5.84 6.52
N PHE A 362 14.41 -5.62 5.80
CA PHE A 362 14.29 -4.37 5.05
C PHE A 362 14.24 -3.17 5.99
N ILE A 363 13.60 -3.30 7.16
CA ILE A 363 13.57 -2.18 8.08
C ILE A 363 14.98 -1.87 8.58
N LYS A 364 15.74 -2.91 8.92
CA LYS A 364 17.13 -2.68 9.36
C LYS A 364 17.97 -2.03 8.26
N HIS A 365 17.79 -2.49 7.01
CA HIS A 365 18.49 -1.87 5.88
C HIS A 365 18.10 -0.42 5.72
N MET A 366 16.80 -0.13 5.76
CA MET A 366 16.32 1.23 5.65
C MET A 366 16.93 2.12 6.73
N GLU A 367 16.90 1.67 7.98
CA GLU A 367 17.49 2.47 9.05
C GLU A 367 18.97 2.70 8.78
N ASN A 368 19.71 1.66 8.39
CA ASN A 368 21.13 1.83 8.08
C ASN A 368 21.35 2.84 6.96
N GLU A 369 20.54 2.77 5.90
CA GLU A 369 20.67 3.68 4.76
C GLU A 369 20.37 5.11 5.14
N TYR A 370 19.34 5.33 5.96
CA TYR A 370 19.10 6.68 6.44
C TYR A 370 20.31 7.21 7.18
N ARG A 371 20.94 6.36 8.00
CA ARG A 371 22.06 6.82 8.80
C ARG A 371 23.32 7.03 7.95
N CYS A 372 23.61 6.12 7.04
CA CYS A 372 24.87 6.15 6.29
CA CYS A 372 24.87 6.23 6.33
C CYS A 372 24.75 6.90 4.97
N ARG A 373 23.56 6.98 4.39
CA ARG A 373 23.39 7.53 3.05
C ARG A 373 22.49 8.76 3.02
N GLY A 374 21.73 9.03 4.08
CA GLY A 374 20.82 10.15 4.13
C GLY A 374 19.41 9.83 3.68
N GLY A 375 19.13 8.59 3.32
CA GLY A 375 17.78 8.19 2.97
C GLY A 375 17.79 6.83 2.31
N CYS A 376 16.60 6.43 1.90
CA CYS A 376 16.35 5.15 1.23
C CYS A 376 15.02 5.23 0.51
N PRO A 377 15.00 5.41 -0.82
CA PRO A 377 13.71 5.47 -1.52
C PRO A 377 12.95 4.15 -1.37
N ALA A 378 11.68 4.25 -0.99
CA ALA A 378 10.92 3.01 -0.83
C ALA A 378 9.47 3.23 -1.24
N ASP A 379 8.92 2.24 -1.93
CA ASP A 379 7.57 2.30 -2.49
C ASP A 379 6.71 1.38 -1.63
N TRP A 380 5.98 1.98 -0.67
CA TRP A 380 5.20 1.24 0.30
C TRP A 380 4.27 0.24 -0.37
N VAL A 381 3.60 0.67 -1.45
CA VAL A 381 2.62 -0.16 -2.15
C VAL A 381 3.23 -1.49 -2.58
N TRP A 382 4.52 -1.47 -2.93
CA TRP A 382 5.24 -2.67 -3.37
C TRP A 382 6.00 -3.36 -2.24
N ILE A 383 6.45 -2.61 -1.21
CA ILE A 383 7.27 -3.20 -0.16
C ILE A 383 6.42 -4.02 0.80
N VAL A 384 5.19 -3.58 1.08
CA VAL A 384 4.32 -4.34 1.98
C VAL A 384 3.89 -5.63 1.30
N PRO A 385 4.04 -6.78 1.97
CA PRO A 385 3.75 -8.08 1.33
C PRO A 385 2.27 -8.25 1.05
N PRO A 386 1.91 -9.08 0.06
CA PRO A 386 0.50 -9.22 -0.34
C PRO A 386 -0.35 -10.06 0.58
N MET A 387 0.19 -10.56 1.69
CA MET A 387 -0.61 -11.15 2.75
C MET A 387 -0.06 -10.69 4.09
N SER A 388 -0.96 -10.61 5.09
CA SER A 388 -0.58 -10.33 6.47
C SER A 388 0.19 -9.02 6.60
N GLY A 389 -0.22 -8.02 5.82
CA GLY A 389 0.54 -6.78 5.76
C GLY A 389 0.81 -6.18 7.14
N SER A 390 -0.26 -6.00 7.93
CA SER A 390 -0.09 -5.23 9.16
C SER A 390 0.64 -6.00 10.26
N ILE A 391 0.94 -7.28 10.08
CA ILE A 391 1.74 -7.96 11.10
C ILE A 391 3.21 -8.03 10.71
N THR A 392 3.60 -7.31 9.69
CA THR A 392 4.99 -7.09 9.29
C THR A 392 5.38 -5.66 9.63
N PRO A 393 6.65 -5.41 9.94
CA PRO A 393 7.03 -4.06 10.38
C PRO A 393 6.94 -3.00 9.29
N VAL A 394 7.02 -3.35 8.01
CA VAL A 394 6.97 -2.31 6.99
C VAL A 394 5.59 -1.63 6.92
N PHE A 395 4.52 -2.34 7.29
CA PHE A 395 3.18 -1.75 7.23
C PHE A 395 3.14 -0.43 7.98
N HIS A 396 3.83 -0.36 9.12
CA HIS A 396 3.76 0.79 10.00
C HIS A 396 4.85 1.80 9.74
N GLN A 397 5.67 1.57 8.71
CA GLN A 397 6.80 2.41 8.39
C GLN A 397 6.41 3.41 7.30
N GLU A 398 6.50 4.69 7.62
CA GLU A 398 6.36 5.71 6.58
C GLU A 398 7.57 5.66 5.66
N MET A 399 7.32 5.80 4.37
CA MET A 399 8.37 5.73 3.37
C MET A 399 8.28 6.90 2.42
N LEU A 400 9.43 7.33 1.92
CA LEU A 400 9.50 8.32 0.87
C LEU A 400 9.89 7.63 -0.42
N ASN A 401 9.19 7.92 -1.50
CA ASN A 401 9.51 7.35 -2.79
C ASN A 401 10.04 8.44 -3.72
N TYR A 402 11.18 8.16 -4.35
CA TYR A 402 11.78 9.07 -5.31
C TYR A 402 12.76 8.26 -6.14
N ARG A 403 13.11 8.79 -7.30
CA ARG A 403 13.86 8.03 -8.31
C ARG A 403 15.30 8.55 -8.34
N LEU A 404 16.22 7.70 -7.90
CA LEU A 404 17.65 7.97 -8.04
C LEU A 404 18.22 7.18 -9.21
N THR A 405 19.31 7.68 -9.78
CA THR A 405 20.03 6.98 -10.83
CA THR A 405 20.03 6.97 -10.82
C THR A 405 21.42 6.58 -10.33
N PRO A 406 21.98 5.43 -10.80
CA PRO A 406 21.52 4.41 -11.77
C PRO A 406 20.21 3.76 -11.35
N SER A 407 19.41 3.26 -12.30
CA SER A 407 18.12 2.71 -11.97
C SER A 407 17.77 1.60 -12.94
N PHE A 408 16.88 0.72 -12.48
CA PHE A 408 16.16 -0.16 -13.37
C PHE A 408 14.87 0.51 -13.78
N GLU A 409 14.56 0.47 -15.08
CA GLU A 409 13.35 1.06 -15.64
C GLU A 409 12.59 -0.01 -16.40
N TYR A 410 11.28 0.18 -16.49
CA TYR A 410 10.52 -0.60 -17.45
C TYR A 410 10.83 -0.13 -18.86
N GLN A 411 10.59 -1.02 -19.82
CA GLN A 411 10.75 -0.71 -21.23
C GLN A 411 9.64 -1.42 -21.98
N PRO A 412 9.30 -0.96 -23.18
CA PRO A 412 8.23 -1.62 -23.95
C PRO A 412 8.58 -3.07 -24.24
N ASP A 413 7.55 -3.90 -24.35
CA ASP A 413 7.73 -5.26 -24.81
C ASP A 413 8.34 -5.25 -26.22
N PRO A 414 9.33 -6.11 -26.47
CA PRO A 414 10.06 -6.02 -27.74
C PRO A 414 9.23 -6.41 -28.96
N TRP A 415 8.22 -7.25 -28.80
CA TRP A 415 7.42 -7.60 -29.97
C TRP A 415 6.56 -6.42 -30.42
N ASN A 416 6.38 -5.40 -29.60
CA ASN A 416 5.60 -4.26 -30.07
C ASN A 416 6.43 -3.27 -30.87
N THR A 417 7.75 -3.34 -30.77
CA THR A 417 8.62 -2.37 -31.42
C THR A 417 9.59 -2.97 -32.43
N HIS A 418 9.78 -4.30 -32.44
CA HIS A 418 10.82 -4.88 -33.26
C HIS A 418 10.46 -4.82 -34.74
N VAL A 419 11.43 -4.43 -35.57
CA VAL A 419 11.27 -4.34 -37.01
C VAL A 419 11.78 -5.66 -37.56
N TRP A 420 10.85 -6.55 -37.94
CA TRP A 420 11.24 -7.88 -38.37
C TRP A 420 12.09 -7.81 -39.62
N LYS A 421 13.21 -8.53 -39.63
CA LYS A 421 14.14 -8.51 -40.74
C LYS A 421 13.58 -9.28 -41.94
N ARG B 3 -5.39 17.19 -17.79
CA ARG B 3 -5.55 16.02 -18.64
C ARG B 3 -6.40 14.93 -18.01
N PHE B 4 -7.08 14.14 -18.85
CA PHE B 4 -7.81 12.98 -18.38
C PHE B 4 -6.82 11.90 -17.94
N LEU B 5 -7.06 11.30 -16.79
CA LEU B 5 -6.17 10.27 -16.27
C LEU B 5 -6.86 8.92 -16.25
N LYS B 6 -6.15 7.88 -16.66
CA LYS B 6 -6.69 6.53 -16.74
C LYS B 6 -6.20 5.72 -15.55
N VAL B 7 -7.11 4.93 -14.96
CA VAL B 7 -6.76 3.96 -13.95
C VAL B 7 -7.22 2.59 -14.42
N LYS B 8 -6.37 1.60 -14.20
CA LYS B 8 -6.62 0.27 -14.70
C LYS B 8 -6.72 -0.69 -13.52
N ASN B 9 -7.54 -1.72 -13.67
CA ASN B 9 -7.54 -2.85 -12.77
C ASN B 9 -6.79 -3.98 -13.45
N TRP B 10 -5.69 -4.42 -12.86
CA TRP B 10 -4.83 -5.39 -13.53
C TRP B 10 -5.38 -6.82 -13.45
N GLU B 11 -6.48 -7.04 -12.75
CA GLU B 11 -7.09 -8.36 -12.76
C GLU B 11 -8.21 -8.44 -13.80
N THR B 12 -9.11 -7.48 -13.82
CA THR B 12 -10.23 -7.45 -14.75
C THR B 12 -9.90 -6.69 -16.04
N GLU B 13 -8.80 -5.97 -16.07
CA GLU B 13 -8.40 -5.10 -17.18
C GLU B 13 -9.41 -4.00 -17.46
N VAL B 14 -10.32 -3.72 -16.52
CA VAL B 14 -11.18 -2.55 -16.65
C VAL B 14 -10.34 -1.29 -16.54
N VAL B 15 -10.59 -0.34 -17.45
CA VAL B 15 -9.95 0.96 -17.46
C VAL B 15 -11.02 2.02 -17.20
N LEU B 16 -10.78 2.87 -16.21
CA LEU B 16 -11.64 4.01 -15.91
C LEU B 16 -10.89 5.30 -16.23
N THR B 17 -11.63 6.35 -16.56
CA THR B 17 -11.05 7.64 -16.90
C THR B 17 -11.45 8.67 -15.85
N ASP B 18 -10.47 9.34 -15.28
CA ASP B 18 -10.71 10.26 -14.18
C ASP B 18 -10.63 11.68 -14.69
N THR B 19 -11.74 12.42 -14.53
CA THR B 19 -11.78 13.85 -14.77
C THR B 19 -12.05 14.63 -13.51
N LEU B 20 -12.50 13.97 -12.45
CA LEU B 20 -12.86 14.66 -11.21
C LEU B 20 -11.66 15.34 -10.57
N HIS B 21 -10.46 14.76 -10.70
CA HIS B 21 -9.28 15.34 -10.06
C HIS B 21 -8.99 16.75 -10.54
N LEU B 22 -9.54 17.15 -11.69
CA LEU B 22 -9.38 18.54 -12.15
C LEU B 22 -10.07 19.53 -11.23
N LYS B 23 -11.06 19.08 -10.45
CA LYS B 23 -11.78 19.99 -9.58
C LYS B 23 -11.07 20.26 -8.27
N SER B 24 -9.99 19.54 -7.97
CA SER B 24 -9.37 19.69 -6.66
C SER B 24 -8.31 20.79 -6.70
N THR B 25 -8.19 21.51 -5.58
CA THR B 25 -7.22 22.58 -5.44
C THR B 25 -6.47 22.50 -4.11
N LEU B 26 -6.84 21.57 -3.23
CA LEU B 26 -6.04 21.30 -2.06
C LEU B 26 -4.86 20.40 -2.44
N GLU B 27 -3.81 20.48 -1.62
CA GLU B 27 -2.57 19.78 -1.92
C GLU B 27 -2.52 18.43 -1.23
N THR B 28 -1.74 17.52 -1.82
CA THR B 28 -1.66 16.14 -1.34
C THR B 28 -0.41 15.86 -0.53
N GLY B 29 0.64 16.65 -0.68
CA GLY B 29 1.91 16.41 -0.03
C GLY B 29 2.99 15.87 -0.95
N CYS B 30 2.61 15.33 -2.11
CA CYS B 30 3.57 14.87 -3.09
C CYS B 30 4.04 16.05 -3.94
N THR B 31 5.14 15.83 -4.65
CA THR B 31 5.61 16.72 -5.71
C THR B 31 5.97 15.86 -6.91
N GLU B 32 6.44 16.51 -7.98
CA GLU B 32 6.88 15.76 -9.15
C GLU B 32 8.08 14.88 -8.84
N TYR B 33 8.80 15.13 -7.74
CA TYR B 33 10.03 14.41 -7.48
C TYR B 33 9.99 13.52 -6.24
N ILE B 34 9.03 13.71 -5.35
CA ILE B 34 8.90 12.86 -4.16
C ILE B 34 7.44 12.49 -4.00
N CYS B 35 7.16 11.20 -3.87
CA CYS B 35 5.83 10.74 -3.50
C CYS B 35 5.79 10.52 -1.99
N MET B 36 4.77 11.09 -1.34
CA MET B 36 4.55 10.92 0.08
C MET B 36 3.27 10.15 0.36
N GLY B 37 2.88 9.24 -0.54
CA GLY B 37 1.64 8.51 -0.43
C GLY B 37 1.53 7.60 0.78
N SER B 38 2.63 7.33 1.47
CA SER B 38 2.55 6.51 2.67
C SER B 38 2.81 7.30 3.94
N ILE B 39 2.94 8.61 3.84
CA ILE B 39 3.01 9.46 5.03
C ILE B 39 1.61 9.60 5.63
N MET B 40 1.51 9.46 6.95
CA MET B 40 0.19 9.43 7.56
C MET B 40 -0.46 10.83 7.60
N HIS B 41 0.30 11.86 7.95
CA HIS B 41 -0.20 13.24 7.92
C HIS B 41 0.81 14.14 7.21
N PRO B 42 0.75 14.26 5.89
CA PRO B 42 1.68 15.18 5.21
C PRO B 42 1.30 16.62 5.48
N SER B 43 2.32 17.46 5.71
CA SER B 43 2.09 18.87 6.03
C SER B 43 2.74 19.79 5.01
N VAL B 52 -7.50 29.66 12.16
CA VAL B 52 -8.74 30.42 12.02
C VAL B 52 -8.67 31.36 10.81
N ALA B 53 -9.70 31.31 9.97
CA ALA B 53 -9.69 31.99 8.69
C ALA B 53 -10.20 33.43 8.81
N THR B 54 -9.79 34.25 7.85
CA THR B 54 -10.26 35.63 7.72
C THR B 54 -11.48 35.66 6.81
N LYS B 55 -12.16 36.82 6.78
CA LYS B 55 -13.18 37.04 5.75
C LYS B 55 -12.61 36.88 4.36
N ASP B 56 -11.34 37.27 4.17
CA ASP B 56 -10.74 37.33 2.85
C ASP B 56 -10.60 35.93 2.23
N GLN B 57 -10.17 34.97 3.03
CA GLN B 57 -10.13 33.60 2.55
C GLN B 57 -11.52 32.95 2.54
N LEU B 58 -12.47 33.49 3.30
CA LEU B 58 -13.70 32.75 3.56
C LEU B 58 -14.71 32.85 2.43
N PHE B 59 -14.81 34.01 1.76
CA PHE B 59 -15.88 34.10 0.77
C PHE B 59 -15.62 33.24 -0.47
N PRO B 60 -14.39 33.18 -1.03
CA PRO B 60 -14.17 32.20 -2.11
C PRO B 60 -14.46 30.77 -1.71
N LEU B 61 -14.11 30.38 -0.49
CA LEU B 61 -14.44 29.03 -0.04
C LEU B 61 -15.95 28.84 0.07
N ALA B 62 -16.66 29.83 0.61
CA ALA B 62 -18.11 29.77 0.69
C ALA B 62 -18.72 29.69 -0.71
N LYS B 63 -18.26 30.57 -1.60
CA LYS B 63 -18.81 30.60 -2.97
C LYS B 63 -18.61 29.26 -3.66
N GLU B 64 -17.39 28.70 -3.59
CA GLU B 64 -17.14 27.41 -4.20
C GLU B 64 -18.12 26.35 -3.69
N PHE B 65 -18.41 26.36 -2.38
CA PHE B 65 -19.30 25.36 -1.83
C PHE B 65 -20.75 25.61 -2.23
N ILE B 66 -21.22 26.85 -2.11
CA ILE B 66 -22.58 27.17 -2.55
C ILE B 66 -22.75 26.77 -4.01
N ASP B 67 -21.76 27.07 -4.85
CA ASP B 67 -21.84 26.77 -6.28
C ASP B 67 -22.00 25.27 -6.53
N GLN B 68 -21.23 24.44 -5.83
CA GLN B 68 -21.39 23.00 -6.05
C GLN B 68 -22.65 22.46 -5.40
N TYR B 69 -23.14 23.10 -4.34
CA TYR B 69 -24.43 22.67 -3.79
C TYR B 69 -25.55 22.90 -4.80
N TYR B 70 -25.63 24.12 -5.35
CA TYR B 70 -26.70 24.41 -6.30
C TYR B 70 -26.48 23.70 -7.63
N SER B 71 -25.23 23.42 -7.99
CA SER B 71 -24.99 22.54 -9.12
C SER B 71 -25.51 21.13 -8.86
N SER B 72 -25.36 20.65 -7.62
CA SER B 72 -25.79 19.29 -7.30
C SER B 72 -27.31 19.15 -7.34
N ILE B 73 -28.04 20.20 -6.99
CA ILE B 73 -29.49 20.19 -7.03
C ILE B 73 -30.02 20.78 -8.34
N LYS B 74 -29.17 20.80 -9.40
CA LYS B 74 -29.60 21.19 -10.75
C LYS B 74 -30.22 22.59 -10.79
N ARG B 75 -29.68 23.52 -10.01
CA ARG B 75 -30.21 24.87 -9.94
C ARG B 75 -29.10 25.90 -9.95
N PHE B 76 -27.95 25.53 -10.53
CA PHE B 76 -26.84 26.45 -10.71
C PHE B 76 -27.29 27.67 -11.51
N GLY B 77 -27.00 28.86 -10.99
CA GLY B 77 -27.36 30.09 -11.65
C GLY B 77 -28.79 30.53 -11.45
N SER B 78 -29.55 29.85 -10.59
CA SER B 78 -30.94 30.19 -10.37
C SER B 78 -31.07 31.42 -9.47
N LYS B 79 -32.31 31.87 -9.27
CA LYS B 79 -32.55 32.96 -8.34
C LYS B 79 -32.12 32.56 -6.93
N ALA B 80 -32.54 31.37 -6.47
CA ALA B 80 -32.15 30.90 -5.15
C ALA B 80 -30.63 30.85 -5.00
N HIS B 81 -29.93 30.39 -6.03
CA HIS B 81 -28.47 30.34 -6.00
C HIS B 81 -27.88 31.74 -5.86
N MET B 82 -28.33 32.67 -6.70
CA MET B 82 -27.82 34.03 -6.65
C MET B 82 -28.15 34.69 -5.31
N GLU B 83 -29.36 34.45 -4.79
CA GLU B 83 -29.74 35.06 -3.53
C GLU B 83 -28.96 34.47 -2.37
N ARG B 84 -28.63 33.18 -2.43
CA ARG B 84 -27.83 32.59 -1.37
C ARG B 84 -26.42 33.18 -1.37
N LEU B 85 -25.83 33.33 -2.56
CA LEU B 85 -24.50 33.94 -2.66
C LEU B 85 -24.48 35.34 -2.05
N GLU B 86 -25.47 36.16 -2.43
CA GLU B 86 -25.55 37.50 -1.84
C GLU B 86 -25.81 37.44 -0.35
N GLU B 87 -26.72 36.57 0.08
CA GLU B 87 -26.99 36.39 1.50
C GLU B 87 -25.72 36.03 2.27
N VAL B 88 -24.93 35.08 1.74
CA VAL B 88 -23.70 34.68 2.41
C VAL B 88 -22.66 35.79 2.37
N ASN B 89 -22.64 36.58 1.29
CA ASN B 89 -21.71 37.69 1.19
C ASN B 89 -21.93 38.70 2.31
N LYS B 90 -23.19 39.12 2.50
CA LYS B 90 -23.52 40.05 3.57
C LYS B 90 -23.11 39.51 4.93
N GLU B 91 -23.37 38.23 5.18
CA GLU B 91 -23.11 37.66 6.49
C GLU B 91 -21.62 37.64 6.80
N ILE B 92 -20.78 37.30 5.82
CA ILE B 92 -19.33 37.32 6.06
C ILE B 92 -18.86 38.75 6.29
N ASP B 93 -19.45 39.72 5.59
CA ASP B 93 -19.12 41.11 5.81
C ASP B 93 -19.39 41.54 7.25
N THR B 94 -20.62 41.32 7.71
CA THR B 94 -21.08 41.90 8.96
C THR B 94 -20.72 41.07 10.21
N THR B 95 -20.32 39.79 10.05
CA THR B 95 -20.03 38.94 11.20
C THR B 95 -18.74 38.14 11.09
N SER B 96 -18.00 38.24 9.99
CA SER B 96 -16.76 37.51 9.72
C SER B 96 -16.98 36.00 9.58
N THR B 97 -18.21 35.54 9.52
CA THR B 97 -18.49 34.14 9.25
C THR B 97 -19.87 34.05 8.62
N TYR B 98 -20.37 32.84 8.45
CA TYR B 98 -21.74 32.64 8.03
C TYR B 98 -22.20 31.30 8.57
N GLN B 99 -23.51 31.08 8.48
CA GLN B 99 -24.12 29.85 8.94
C GLN B 99 -24.68 29.09 7.74
N LEU B 100 -24.50 27.78 7.74
CA LEU B 100 -25.05 26.94 6.68
C LEU B 100 -26.53 26.71 6.92
N LYS B 101 -27.31 26.74 5.84
CA LYS B 101 -28.66 26.20 5.91
C LYS B 101 -28.60 24.70 6.23
N ASP B 102 -29.72 24.17 6.72
CA ASP B 102 -29.81 22.76 7.05
C ASP B 102 -29.48 21.87 5.85
N THR B 103 -30.10 22.14 4.72
CA THR B 103 -29.82 21.35 3.51
C THR B 103 -28.34 21.37 3.15
N GLU B 104 -27.70 22.53 3.25
CA GLU B 104 -26.27 22.62 2.95
C GLU B 104 -25.46 21.80 3.95
N LEU B 105 -25.87 21.80 5.22
CA LEU B 105 -25.12 21.04 6.22
C LEU B 105 -25.18 19.55 5.92
N ILE B 106 -26.36 19.06 5.54
CA ILE B 106 -26.53 17.65 5.20
C ILE B 106 -25.72 17.32 3.94
N TYR B 107 -25.86 18.14 2.91
CA TYR B 107 -25.07 17.97 1.69
C TYR B 107 -23.58 17.94 1.99
N GLY B 108 -23.11 18.86 2.84
CA GLY B 108 -21.69 18.96 3.10
C GLY B 108 -21.15 17.75 3.85
N ALA B 109 -21.93 17.23 4.80
CA ALA B 109 -21.44 16.10 5.59
C ALA B 109 -21.40 14.82 4.77
N LYS B 110 -22.45 14.58 3.99
CA LYS B 110 -22.45 13.43 3.08
C LYS B 110 -21.28 13.52 2.12
N HIS B 111 -20.98 14.72 1.62
CA HIS B 111 -19.92 14.82 0.64
C HIS B 111 -18.55 14.73 1.26
N ALA B 112 -18.37 15.18 2.51
CA ALA B 112 -17.10 14.92 3.20
C ALA B 112 -16.86 13.41 3.31
N TRP B 113 -17.90 12.64 3.56
CA TRP B 113 -17.75 11.19 3.56
C TRP B 113 -17.42 10.69 2.15
N ARG B 114 -18.19 11.15 1.16
CA ARG B 114 -17.97 10.74 -0.22
C ARG B 114 -16.54 11.01 -0.67
N ASN B 115 -15.95 12.11 -0.23
CA ASN B 115 -14.62 12.52 -0.65
C ASN B 115 -13.51 11.93 0.22
N ALA B 116 -13.82 11.16 1.24
CA ALA B 116 -12.78 10.62 2.13
C ALA B 116 -12.02 9.53 1.39
N SER B 117 -10.87 9.91 0.81
CA SER B 117 -10.14 8.97 -0.04
CA SER B 117 -10.08 8.99 -0.03
C SER B 117 -9.69 7.71 0.70
N ARG B 118 -9.59 7.75 2.02
CA ARG B 118 -9.10 6.59 2.75
C ARG B 118 -10.19 5.63 3.18
N CYS B 119 -11.45 5.90 2.87
CA CYS B 119 -12.56 5.12 3.44
C CYS B 119 -13.05 4.12 2.40
N VAL B 120 -12.93 2.83 2.73
CA VAL B 120 -13.44 1.76 1.90
C VAL B 120 -14.95 1.59 2.01
N GLY B 121 -15.59 2.27 2.97
CA GLY B 121 -17.01 2.07 3.18
C GLY B 121 -17.94 3.03 2.45
N ARG B 122 -17.43 3.83 1.52
CA ARG B 122 -18.15 4.98 0.96
C ARG B 122 -19.29 4.62 0.02
N ILE B 123 -19.50 3.35 -0.33
CA ILE B 123 -20.64 3.02 -1.16
C ILE B 123 -21.93 3.45 -0.47
N GLN B 124 -21.90 3.63 0.85
CA GLN B 124 -23.06 3.99 1.65
C GLN B 124 -23.21 5.51 1.85
N TRP B 125 -22.39 6.33 1.19
CA TRP B 125 -22.18 7.71 1.60
C TRP B 125 -23.48 8.51 1.64
N SER B 126 -24.39 8.29 0.67
CA SER B 126 -25.60 9.11 0.62
C SER B 126 -26.63 8.68 1.65
N LYS B 127 -26.41 7.56 2.32
CA LYS B 127 -27.30 7.04 3.37
C LYS B 127 -26.76 7.41 4.76
N LEU B 128 -26.38 8.68 4.96
CA LEU B 128 -25.86 9.18 6.22
C LEU B 128 -26.95 9.96 6.95
N GLN B 129 -27.19 9.61 8.20
CA GLN B 129 -28.10 10.37 9.03
C GLN B 129 -27.33 11.53 9.68
N VAL B 130 -27.78 12.76 9.45
CA VAL B 130 -27.07 13.94 9.93
C VAL B 130 -27.87 14.57 11.07
N PHE B 131 -27.22 14.72 12.23
CA PHE B 131 -27.82 15.35 13.40
C PHE B 131 -27.17 16.71 13.59
N ASP B 132 -27.99 17.74 13.43
CA ASP B 132 -27.56 19.12 13.58
C ASP B 132 -27.54 19.46 15.07
N ALA B 133 -26.35 19.69 15.64
CA ALA B 133 -26.23 20.06 17.04
C ALA B 133 -25.63 21.46 17.20
N ARG B 134 -25.84 22.34 16.23
CA ARG B 134 -25.19 23.65 16.29
C ARG B 134 -25.82 24.61 17.29
N ASP B 135 -26.92 24.22 17.94
CA ASP B 135 -27.44 25.04 19.02
C ASP B 135 -26.89 24.64 20.38
N CYS B 136 -26.00 23.64 20.42
CA CYS B 136 -25.40 23.22 21.68
C CYS B 136 -24.53 24.33 22.28
N THR B 137 -24.57 24.46 23.61
CA THR B 137 -23.72 25.44 24.30
C THR B 137 -22.91 24.87 25.46
N THR B 138 -23.21 23.67 25.95
CA THR B 138 -22.55 23.14 27.14
C THR B 138 -22.20 21.68 26.93
N ALA B 139 -21.25 21.21 27.75
CA ALA B 139 -20.86 19.80 27.73
C ALA B 139 -22.03 18.89 28.06
N HIS B 140 -22.94 19.33 28.93
CA HIS B 140 -24.15 18.55 29.22
C HIS B 140 -25.02 18.40 27.97
N GLY B 141 -25.19 19.49 27.21
CA GLY B 141 -25.89 19.36 25.94
C GLY B 141 -25.16 18.46 24.97
N MET B 142 -23.82 18.53 24.97
CA MET B 142 -23.03 17.67 24.08
C MET B 142 -23.28 16.21 24.41
N PHE B 143 -23.26 15.88 25.71
CA PHE B 143 -23.49 14.51 26.16
C PHE B 143 -24.87 14.02 25.72
N ASN B 144 -25.90 14.86 25.86
CA ASN B 144 -27.23 14.47 25.42
C ASN B 144 -27.24 14.15 23.92
N TYR B 145 -26.67 15.03 23.09
CA TYR B 145 -26.60 14.79 21.66
C TYR B 145 -25.83 13.51 21.32
N ILE B 146 -24.76 13.22 22.06
CA ILE B 146 -23.94 12.05 21.76
C ILE B 146 -24.67 10.77 22.17
N CYS B 147 -25.35 10.78 23.32
CA CYS B 147 -26.17 9.65 23.72
C CYS B 147 -27.24 9.35 22.67
N ASN B 148 -27.90 10.39 22.18
CA ASN B 148 -28.93 10.20 21.16
C ASN B 148 -28.32 9.64 19.88
N HIS B 149 -27.12 10.11 19.52
CA HIS B 149 -26.42 9.58 18.37
C HIS B 149 -26.12 8.09 18.55
N VAL B 150 -25.50 7.73 19.67
CA VAL B 150 -25.13 6.35 19.92
C VAL B 150 -26.36 5.45 19.89
N LYS B 151 -27.44 5.90 20.52
CA LYS B 151 -28.63 5.08 20.57
C LYS B 151 -29.23 4.93 19.18
N TYR B 152 -29.26 6.01 18.41
CA TYR B 152 -29.79 5.92 17.05
C TYR B 152 -28.94 5.01 16.19
N ALA B 153 -27.62 5.19 16.25
CA ALA B 153 -26.71 4.48 15.35
C ALA B 153 -26.59 3.02 15.72
N THR B 154 -26.68 2.69 17.00
CA THR B 154 -26.59 1.30 17.42
C THR B 154 -27.81 0.52 16.98
N ASN B 155 -29.01 1.06 17.23
CA ASN B 155 -30.25 0.50 16.68
C ASN B 155 -30.38 -0.98 16.99
N LYS B 156 -30.02 -1.35 18.22
CA LYS B 156 -30.16 -2.72 18.72
C LYS B 156 -29.36 -3.74 17.91
N GLY B 157 -28.31 -3.30 17.23
CA GLY B 157 -27.46 -4.17 16.45
C GLY B 157 -27.53 -3.94 14.97
N ASN B 158 -28.60 -3.33 14.48
CA ASN B 158 -28.79 -3.04 13.06
C ASN B 158 -28.24 -1.65 12.78
N LEU B 159 -26.91 -1.56 12.70
CA LEU B 159 -26.23 -0.28 12.77
C LEU B 159 -26.58 0.62 11.61
N ARG B 160 -26.59 1.92 11.88
CA ARG B 160 -26.95 2.94 10.91
C ARG B 160 -25.92 4.03 11.00
N SER B 161 -25.45 4.50 9.85
CA SER B 161 -24.44 5.54 9.81
C SER B 161 -25.00 6.85 10.29
N ALA B 162 -24.21 7.59 11.06
CA ALA B 162 -24.69 8.85 11.58
C ALA B 162 -23.53 9.81 11.82
N ILE B 163 -23.85 11.10 11.84
CA ILE B 163 -22.89 12.12 12.26
C ILE B 163 -23.65 13.17 13.07
N THR B 164 -23.03 13.66 14.13
CA THR B 164 -23.57 14.75 14.91
C THR B 164 -22.64 15.94 14.78
N ILE B 165 -23.18 17.10 14.43
CA ILE B 165 -22.34 18.25 14.12
C ILE B 165 -22.60 19.34 15.16
N PHE B 166 -21.58 19.62 15.97
CA PHE B 166 -21.57 20.66 16.99
C PHE B 166 -21.14 21.99 16.39
N PRO B 167 -21.29 23.10 17.13
CA PRO B 167 -21.05 24.42 16.52
C PRO B 167 -19.67 24.56 15.94
N GLN B 168 -19.60 25.34 14.87
CA GLN B 168 -18.35 25.56 14.17
C GLN B 168 -17.39 26.40 14.98
N ARG B 169 -16.13 26.37 14.57
CA ARG B 169 -15.11 27.19 15.20
C ARG B 169 -15.41 28.65 14.95
N THR B 170 -15.16 29.48 15.97
CA THR B 170 -15.34 30.93 15.82
C THR B 170 -13.98 31.62 15.78
N ASP B 171 -13.35 31.82 16.94
CA ASP B 171 -12.05 32.45 17.03
C ASP B 171 -10.93 31.46 17.32
N GLY B 172 -11.25 30.20 17.57
CA GLY B 172 -10.27 29.22 17.98
C GLY B 172 -10.07 29.15 19.48
N LYS B 173 -10.65 30.08 20.24
CA LYS B 173 -10.67 30.05 21.69
C LYS B 173 -11.91 29.38 22.26
N HIS B 174 -12.93 29.13 21.44
CA HIS B 174 -14.19 28.62 21.93
C HIS B 174 -14.57 27.31 21.24
N ASP B 175 -13.58 26.46 20.97
CA ASP B 175 -13.82 25.23 20.23
C ASP B 175 -14.68 24.26 21.04
N PHE B 176 -15.60 23.61 20.34
CA PHE B 176 -16.21 22.39 20.83
C PHE B 176 -15.31 21.22 20.45
N ARG B 177 -15.06 20.33 21.40
CA ARG B 177 -14.17 19.21 21.15
C ARG B 177 -14.66 17.99 21.92
N VAL B 178 -14.69 16.85 21.25
CA VAL B 178 -14.75 15.57 21.94
C VAL B 178 -13.29 15.13 22.12
N TRP B 179 -12.83 15.06 23.38
CA TRP B 179 -11.44 14.70 23.62
C TRP B 179 -11.16 13.24 23.29
N ASN B 180 -12.15 12.37 23.48
CA ASN B 180 -12.03 10.98 23.08
C ASN B 180 -11.73 10.88 21.59
N SER B 181 -10.92 9.90 21.21
CA SER B 181 -10.67 9.70 19.78
C SER B 181 -11.83 8.96 19.13
N GLN B 182 -12.45 8.03 19.87
CA GLN B 182 -13.72 7.42 19.49
C GLN B 182 -14.69 7.51 20.65
N LEU B 183 -15.99 7.53 20.35
CA LEU B 183 -16.98 7.65 21.42
C LEU B 183 -16.91 6.47 22.38
N ILE B 184 -16.71 5.28 21.84
CA ILE B 184 -16.61 4.06 22.62
C ILE B 184 -15.21 3.51 22.44
N ARG B 185 -14.46 3.39 23.53
CA ARG B 185 -13.12 2.83 23.51
C ARG B 185 -12.79 2.26 24.88
N TYR B 186 -11.85 1.34 24.89
CA TYR B 186 -11.44 0.68 26.13
C TYR B 186 -10.20 1.37 26.70
N ALA B 187 -10.14 1.43 28.02
CA ALA B 187 -9.04 2.09 28.70
C ALA B 187 -7.76 1.28 28.61
N GLY B 188 -6.64 1.96 28.76
CA GLY B 188 -5.33 1.31 28.81
C GLY B 188 -4.58 1.77 30.05
N TYR B 189 -3.95 0.80 30.73
CA TYR B 189 -3.33 1.03 32.04
C TYR B 189 -1.86 0.66 32.00
N LYS B 190 -1.00 1.65 32.18
CA LYS B 190 0.43 1.40 32.30
C LYS B 190 0.72 0.77 33.65
N GLN B 191 1.27 -0.44 33.64
CA GLN B 191 1.42 -1.24 34.85
C GLN B 191 2.69 -0.88 35.62
N PRO B 192 2.71 -1.14 36.93
CA PRO B 192 3.96 -0.96 37.69
C PRO B 192 5.13 -1.70 37.06
N ASP B 193 4.94 -2.96 36.66
CA ASP B 193 6.02 -3.75 36.10
C ASP B 193 6.27 -3.43 34.62
N GLY B 194 5.81 -2.29 34.12
CA GLY B 194 6.22 -1.76 32.84
C GLY B 194 5.29 -2.05 31.68
N SER B 195 4.51 -3.13 31.76
CA SER B 195 3.65 -3.53 30.65
C SER B 195 2.33 -2.72 30.69
N THR B 196 1.33 -3.18 29.93
CA THR B 196 0.09 -2.44 29.77
C THR B 196 -1.11 -3.36 29.93
N LEU B 197 -2.07 -2.94 30.75
CA LEU B 197 -3.36 -3.61 30.89
C LEU B 197 -4.41 -2.83 30.08
N GLY B 198 -5.19 -3.56 29.27
CA GLY B 198 -6.21 -2.94 28.44
C GLY B 198 -5.72 -2.59 27.05
N ASP B 199 -6.10 -1.42 26.53
CA ASP B 199 -5.73 -0.98 25.20
C ASP B 199 -4.57 0.00 25.28
N PRO B 200 -3.36 -0.39 24.85
CA PRO B 200 -2.21 0.52 24.97
C PRO B 200 -2.36 1.80 24.16
N ALA B 201 -3.21 1.82 23.13
CA ALA B 201 -3.37 3.03 22.34
C ALA B 201 -4.01 4.16 23.13
N ASN B 202 -4.67 3.84 24.24
CA ASN B 202 -5.41 4.83 25.01
C ASN B 202 -4.77 5.15 26.36
N VAL B 203 -3.51 4.77 26.56
CA VAL B 203 -2.88 4.98 27.87
C VAL B 203 -2.90 6.46 28.22
N GLN B 204 -2.53 7.34 27.28
CA GLN B 204 -2.47 8.76 27.61
C GLN B 204 -3.86 9.32 27.88
N PHE B 205 -4.84 8.99 27.04
CA PHE B 205 -6.21 9.47 27.29
C PHE B 205 -6.75 8.93 28.61
N THR B 206 -6.51 7.65 28.89
CA THR B 206 -6.93 7.07 30.16
C THR B 206 -6.38 7.87 31.33
N GLU B 207 -5.09 8.25 31.27
CA GLU B 207 -4.48 8.97 32.40
C GLU B 207 -5.10 10.35 32.58
N ILE B 208 -5.47 11.00 31.47
CA ILE B 208 -6.16 12.29 31.57
C ILE B 208 -7.51 12.13 32.27
N CYS B 209 -8.22 11.04 31.96
CA CYS B 209 -9.50 10.79 32.62
C CYS B 209 -9.30 10.54 34.11
N ILE B 210 -8.28 9.76 34.48
CA ILE B 210 -7.99 9.55 35.90
C ILE B 210 -7.62 10.87 36.55
N GLN B 211 -6.75 11.64 35.89
CA GLN B 211 -6.35 12.94 36.41
CA GLN B 211 -6.34 12.94 36.40
C GLN B 211 -7.54 13.85 36.59
N GLN B 212 -8.57 13.72 35.74
CA GLN B 212 -9.75 14.56 35.84
C GLN B 212 -10.78 14.01 36.82
N GLY B 213 -10.49 12.90 37.50
CA GLY B 213 -11.35 12.38 38.55
C GLY B 213 -11.98 11.03 38.26
N TRP B 214 -11.84 10.50 37.05
CA TRP B 214 -12.44 9.21 36.74
C TRP B 214 -11.83 8.12 37.61
N LYS B 215 -12.67 7.41 38.33
CA LYS B 215 -12.23 6.26 39.10
C LYS B 215 -12.16 5.06 38.16
N PRO B 216 -10.96 4.58 37.83
CA PRO B 216 -10.85 3.48 36.88
C PRO B 216 -11.22 2.16 37.55
N PRO B 217 -11.99 1.32 36.87
CA PRO B 217 -12.20 -0.04 37.40
C PRO B 217 -10.97 -0.92 37.26
N ARG B 218 -10.05 -0.58 36.36
CA ARG B 218 -8.78 -1.29 36.16
C ARG B 218 -9.02 -2.73 35.70
N GLY B 219 -9.88 -2.86 34.69
CA GLY B 219 -10.04 -4.10 33.97
C GLY B 219 -9.41 -4.05 32.59
N ARG B 220 -9.65 -5.09 31.81
CA ARG B 220 -9.10 -5.16 30.47
C ARG B 220 -10.00 -4.51 29.42
N PHE B 221 -11.30 -4.37 29.71
CA PHE B 221 -12.27 -3.80 28.76
C PHE B 221 -13.18 -2.81 29.51
N ASP B 222 -12.56 -1.76 30.03
CA ASP B 222 -13.30 -0.69 30.72
C ASP B 222 -13.65 0.38 29.71
N VAL B 223 -14.94 0.61 29.49
CA VAL B 223 -15.34 1.67 28.58
C VAL B 223 -14.96 3.01 29.19
N LEU B 224 -14.26 3.84 28.42
CA LEU B 224 -13.82 5.13 28.91
C LEU B 224 -14.99 6.09 29.01
N PRO B 225 -14.93 7.06 29.92
CA PRO B 225 -15.97 8.10 29.94
C PRO B 225 -15.78 9.05 28.77
N LEU B 226 -16.85 9.76 28.44
CA LEU B 226 -16.72 10.88 27.52
C LEU B 226 -16.08 12.06 28.25
N LEU B 227 -15.15 12.73 27.58
CA LEU B 227 -14.55 13.97 28.07
C LEU B 227 -14.95 15.05 27.07
N LEU B 228 -15.80 15.97 27.48
CA LEU B 228 -16.48 16.84 26.53
C LEU B 228 -16.15 18.30 26.82
N GLN B 229 -15.76 19.02 25.77
CA GLN B 229 -15.37 20.42 25.84
C GLN B 229 -16.34 21.24 25.00
N ALA B 230 -17.06 22.15 25.64
CA ALA B 230 -18.00 23.03 24.95
C ALA B 230 -17.51 24.48 25.01
N ASN B 231 -17.52 25.14 23.86
CA ASN B 231 -17.26 26.58 23.77
C ASN B 231 -15.92 26.96 24.41
N GLY B 232 -14.94 26.07 24.30
CA GLY B 232 -13.60 26.32 24.79
C GLY B 232 -13.40 26.15 26.28
N ASN B 233 -14.41 25.70 27.02
CA ASN B 233 -14.25 25.57 28.45
C ASN B 233 -13.51 24.27 28.78
N ASP B 234 -13.15 24.12 30.05
CA ASP B 234 -12.52 22.89 30.49
C ASP B 234 -13.42 21.71 30.17
N PRO B 235 -12.87 20.59 29.71
CA PRO B 235 -13.71 19.41 29.41
C PRO B 235 -14.30 18.83 30.69
N GLU B 236 -15.44 18.13 30.53
CA GLU B 236 -16.14 17.51 31.65
C GLU B 236 -16.38 16.04 31.35
N LEU B 237 -16.39 15.22 32.41
CA LEU B 237 -16.52 13.77 32.29
C LEU B 237 -17.99 13.35 32.36
N PHE B 238 -18.35 12.35 31.55
CA PHE B 238 -19.69 11.75 31.55
C PHE B 238 -19.55 10.25 31.25
N GLN B 239 -20.36 9.44 31.93
CA GLN B 239 -20.41 8.00 31.65
C GLN B 239 -21.54 7.69 30.68
N ILE B 240 -21.20 7.12 29.53
CA ILE B 240 -22.28 6.67 28.62
C ILE B 240 -23.08 5.58 29.31
N PRO B 241 -24.40 5.71 29.41
CA PRO B 241 -25.21 4.67 30.06
C PRO B 241 -24.93 3.30 29.46
N PRO B 242 -24.58 2.31 30.29
CA PRO B 242 -24.13 1.03 29.73
C PRO B 242 -25.10 0.38 28.77
N GLU B 243 -26.41 0.49 29.00
CA GLU B 243 -27.34 -0.13 28.07
C GLU B 243 -27.20 0.44 26.66
N LEU B 244 -26.55 1.58 26.49
CA LEU B 244 -26.36 2.13 25.15
C LEU B 244 -25.14 1.54 24.46
N VAL B 245 -24.25 0.89 25.19
CA VAL B 245 -22.93 0.46 24.69
C VAL B 245 -23.09 -1.01 24.32
N LEU B 246 -23.35 -1.29 23.06
CA LEU B 246 -23.52 -2.66 22.62
C LEU B 246 -22.15 -3.33 22.51
N GLU B 247 -22.03 -4.54 23.06
CA GLU B 247 -20.77 -5.26 23.09
C GLU B 247 -20.99 -6.70 22.64
N VAL B 248 -19.92 -7.29 22.08
CA VAL B 248 -19.97 -8.62 21.51
C VAL B 248 -18.88 -9.47 22.16
N PRO B 249 -19.23 -10.55 22.86
CA PRO B 249 -18.21 -11.52 23.30
C PRO B 249 -17.67 -12.28 22.11
N ILE B 250 -16.35 -12.39 22.02
CA ILE B 250 -15.74 -13.04 20.86
C ILE B 250 -15.58 -14.52 21.15
N ARG B 251 -16.24 -15.35 20.35
CA ARG B 251 -16.02 -16.79 20.38
C ARG B 251 -15.67 -17.27 18.97
N HIS B 252 -15.32 -18.54 18.87
CA HIS B 252 -14.91 -19.13 17.61
C HIS B 252 -15.83 -20.29 17.22
N PRO B 253 -16.20 -20.43 15.95
CA PRO B 253 -17.09 -21.52 15.56
C PRO B 253 -16.50 -22.94 15.67
N LYS B 254 -15.21 -23.11 15.95
CA LYS B 254 -14.65 -24.46 16.04
C LYS B 254 -13.86 -24.66 17.32
N PHE B 255 -13.14 -23.64 17.78
CA PHE B 255 -12.31 -23.73 18.97
C PHE B 255 -13.16 -23.33 20.18
N GLU B 256 -13.61 -24.32 20.96
CA GLU B 256 -14.37 -24.00 22.16
C GLU B 256 -13.54 -23.26 23.20
N TRP B 257 -12.20 -23.34 23.11
CA TRP B 257 -11.37 -22.63 24.07
C TRP B 257 -11.31 -21.14 23.80
N PHE B 258 -11.82 -20.66 22.66
CA PHE B 258 -11.63 -19.26 22.30
C PHE B 258 -12.40 -18.34 23.25
N LYS B 259 -13.64 -18.71 23.61
CA LYS B 259 -14.40 -17.90 24.54
C LYS B 259 -13.64 -17.69 25.86
N ASP B 260 -12.86 -18.68 26.28
CA ASP B 260 -12.10 -18.60 27.52
C ASP B 260 -11.02 -17.54 27.48
N LEU B 261 -10.65 -17.03 26.31
CA LEU B 261 -9.68 -15.95 26.26
C LEU B 261 -10.20 -14.68 26.91
N GLY B 262 -11.52 -14.58 27.11
CA GLY B 262 -12.13 -13.43 27.74
C GLY B 262 -12.31 -12.22 26.85
N LEU B 263 -12.13 -12.38 25.54
CA LEU B 263 -12.14 -11.24 24.63
C LEU B 263 -13.57 -10.78 24.33
N LYS B 264 -13.69 -9.48 24.12
CA LYS B 264 -14.93 -8.88 23.66
C LYS B 264 -14.58 -7.60 22.91
N TRP B 265 -15.57 -7.04 22.23
CA TRP B 265 -15.37 -5.75 21.61
C TRP B 265 -16.71 -5.04 21.56
N TYR B 266 -16.66 -3.74 21.27
CA TYR B 266 -17.88 -2.97 21.15
C TYR B 266 -18.35 -2.98 19.70
N GLY B 267 -19.64 -2.77 19.50
CA GLY B 267 -20.14 -2.95 18.16
C GLY B 267 -20.07 -1.70 17.30
N LEU B 268 -19.97 -0.54 17.95
CA LEU B 268 -20.14 0.74 17.26
C LEU B 268 -18.81 1.45 17.09
N PRO B 269 -18.28 1.59 15.86
CA PRO B 269 -17.07 2.41 15.66
C PRO B 269 -17.46 3.85 15.37
N ALA B 270 -16.99 4.79 16.17
CA ALA B 270 -17.50 6.15 16.11
C ALA B 270 -16.34 7.11 16.26
N VAL B 271 -15.85 7.64 15.14
CA VAL B 271 -14.70 8.54 15.16
C VAL B 271 -15.13 9.89 15.71
N SER B 272 -14.45 10.36 16.76
CA SER B 272 -14.87 11.57 17.45
C SER B 272 -13.82 12.67 17.50
N ASN B 273 -12.68 12.52 16.80
CA ASN B 273 -11.61 13.51 16.91
C ASN B 273 -11.25 14.16 15.59
N MET B 274 -12.05 14.00 14.55
CA MET B 274 -11.69 14.64 13.30
C MET B 274 -12.40 15.98 13.16
N LEU B 275 -11.97 16.73 12.15
CA LEU B 275 -12.51 18.05 11.85
C LEU B 275 -13.21 18.01 10.51
N LEU B 276 -14.42 18.57 10.46
CA LEU B 276 -15.24 18.57 9.27
C LEU B 276 -15.24 19.97 8.69
N GLU B 277 -14.77 20.10 7.46
CA GLU B 277 -14.63 21.39 6.81
C GLU B 277 -15.64 21.48 5.66
N ILE B 278 -16.49 22.49 5.71
CA ILE B 278 -17.52 22.71 4.69
C ILE B 278 -17.54 24.20 4.39
N GLY B 279 -17.39 24.55 3.11
CA GLY B 279 -17.47 25.93 2.68
C GLY B 279 -16.65 26.89 3.51
N GLY B 280 -15.46 26.47 3.93
CA GLY B 280 -14.61 27.32 4.73
C GLY B 280 -14.87 27.29 6.21
N LEU B 281 -15.98 26.69 6.64
CA LEU B 281 -16.30 26.59 8.06
C LEU B 281 -15.70 25.31 8.64
N GLU B 282 -15.28 25.39 9.90
CA GLU B 282 -14.60 24.27 10.55
C GLU B 282 -15.41 23.77 11.73
N PHE B 283 -15.88 22.52 11.62
CA PHE B 283 -16.62 21.86 12.68
C PHE B 283 -15.68 20.93 13.43
N SER B 284 -15.11 21.42 14.52
CA SER B 284 -14.06 20.70 15.25
C SER B 284 -14.60 19.56 16.10
N ALA B 285 -15.92 19.49 16.33
CA ALA B 285 -16.52 18.32 16.98
C ALA B 285 -17.63 17.81 16.07
N CYS B 286 -17.43 16.62 15.54
CA CYS B 286 -18.37 16.09 14.57
C CYS B 286 -18.37 14.57 14.59
N PRO B 287 -18.60 13.94 15.75
CA PRO B 287 -18.48 12.48 15.82
C PRO B 287 -19.37 11.78 14.80
N PHE B 288 -18.79 10.76 14.16
CA PHE B 288 -19.50 10.02 13.13
C PHE B 288 -19.22 8.53 13.32
N SER B 289 -20.18 7.71 12.91
CA SER B 289 -20.08 6.29 13.20
C SER B 289 -20.67 5.51 12.05
N GLY B 290 -20.24 4.28 11.92
CA GLY B 290 -20.74 3.41 10.88
C GLY B 290 -20.88 2.01 11.42
N TRP B 291 -20.22 1.06 10.79
CA TRP B 291 -20.13 -0.29 11.34
C TRP B 291 -18.79 -0.84 10.92
N TYR B 292 -18.36 -1.88 11.63
CA TYR B 292 -16.99 -2.36 11.49
C TYR B 292 -16.82 -3.23 10.25
N MET B 293 -15.65 -3.11 9.65
CA MET B 293 -15.06 -4.16 8.85
C MET B 293 -14.25 -5.03 9.81
N GLY B 294 -14.38 -6.34 9.68
CA GLY B 294 -13.84 -7.24 10.71
C GLY B 294 -12.36 -7.07 10.98
N THR B 295 -11.58 -6.69 9.97
CA THR B 295 -10.13 -6.58 10.15
C THR B 295 -9.77 -5.40 11.05
N GLU B 296 -10.61 -4.37 11.11
CA GLU B 296 -10.36 -3.25 12.00
C GLU B 296 -10.25 -3.72 13.44
N ILE B 297 -11.06 -4.70 13.83
CA ILE B 297 -10.99 -5.29 15.16
C ILE B 297 -9.91 -6.37 15.22
N GLY B 298 -10.04 -7.39 14.36
CA GLY B 298 -9.30 -8.63 14.54
C GLY B 298 -7.87 -8.60 14.06
N VAL B 299 -7.54 -7.71 13.13
CA VAL B 299 -6.17 -7.56 12.69
C VAL B 299 -5.45 -6.46 13.48
N ARG B 300 -6.04 -5.26 13.52
CA ARG B 300 -5.35 -4.09 14.04
C ARG B 300 -5.52 -3.95 15.55
N ASP B 301 -6.78 -3.94 16.04
CA ASP B 301 -7.03 -3.77 17.47
C ASP B 301 -6.45 -4.90 18.32
N TYR B 302 -6.65 -6.15 17.89
CA TYR B 302 -6.19 -7.30 18.66
C TYR B 302 -4.74 -7.70 18.41
N CYS B 303 -4.23 -7.50 17.18
CA CYS B 303 -2.96 -8.12 16.78
C CYS B 303 -1.82 -7.14 16.53
N ASP B 304 -2.08 -5.84 16.37
CA ASP B 304 -0.98 -4.88 16.34
C ASP B 304 -0.11 -5.07 17.58
N ASN B 305 1.21 -4.96 17.40
CA ASN B 305 2.12 -5.17 18.51
C ASN B 305 1.94 -4.11 19.59
N SER B 306 1.52 -2.91 19.20
CA SER B 306 1.30 -1.82 20.13
C SER B 306 -0.16 -1.71 20.58
N ARG B 307 -0.95 -2.77 20.36
CA ARG B 307 -2.34 -2.80 20.80
C ARG B 307 -2.56 -3.99 21.74
N TYR B 308 -3.66 -4.75 21.57
CA TYR B 308 -3.91 -5.86 22.50
C TYR B 308 -2.91 -6.98 22.34
N ASN B 309 -2.34 -7.16 21.13
CA ASN B 309 -1.14 -7.98 20.91
C ASN B 309 -1.33 -9.43 21.43
N ILE B 310 -2.37 -10.08 20.92
CA ILE B 310 -2.79 -11.39 21.44
C ILE B 310 -2.35 -12.55 20.57
N LEU B 311 -1.60 -12.30 19.49
CA LEU B 311 -1.26 -13.38 18.56
C LEU B 311 -0.57 -14.53 19.29
N GLU B 312 0.40 -14.22 20.14
CA GLU B 312 1.07 -15.26 20.93
C GLU B 312 0.06 -16.10 21.70
N GLU B 313 -0.88 -15.45 22.39
CA GLU B 313 -1.81 -16.20 23.23
C GLU B 313 -2.65 -17.16 22.42
N VAL B 314 -3.12 -16.73 21.25
CA VAL B 314 -3.97 -17.58 20.42
C VAL B 314 -3.14 -18.71 19.78
N ALA B 315 -1.97 -18.37 19.24
CA ALA B 315 -1.14 -19.39 18.63
C ALA B 315 -0.70 -20.43 19.64
N LYS B 316 -0.49 -20.01 20.89
CA LYS B 316 -0.26 -20.96 21.98
C LYS B 316 -1.39 -21.98 22.05
N LYS B 317 -2.64 -21.51 22.11
CA LYS B 317 -3.77 -22.43 22.28
C LYS B 317 -4.03 -23.26 21.03
N MET B 318 -3.62 -22.77 19.85
CA MET B 318 -3.63 -23.59 18.65
C MET B 318 -2.47 -24.57 18.58
N ASN B 319 -1.53 -24.48 19.53
CA ASN B 319 -0.36 -25.36 19.60
C ASN B 319 0.53 -25.27 18.36
N LEU B 320 0.61 -24.09 17.75
CA LEU B 320 1.46 -23.93 16.58
C LEU B 320 2.93 -23.87 16.97
N ASP B 321 3.80 -24.31 16.06
CA ASP B 321 5.23 -24.18 16.26
C ASP B 321 5.61 -22.71 16.13
N MET B 322 6.03 -22.10 17.24
CA MET B 322 6.31 -20.68 17.28
C MET B 322 7.81 -20.38 17.33
N ARG B 323 8.66 -21.37 17.06
CA ARG B 323 10.10 -21.16 17.14
C ARG B 323 10.65 -20.37 15.96
N LYS B 324 10.10 -20.59 14.76
CA LYS B 324 10.58 -19.94 13.55
C LYS B 324 9.44 -19.21 12.84
N THR B 325 9.75 -18.04 12.25
CA THR B 325 8.71 -17.25 11.62
C THR B 325 8.19 -17.91 10.35
N SER B 326 9.04 -18.65 9.64
CA SER B 326 8.63 -19.29 8.39
C SER B 326 7.57 -20.38 8.59
N SER B 327 7.23 -20.75 9.82
CA SER B 327 6.05 -21.60 9.99
C SER B 327 4.76 -20.84 9.73
N LEU B 328 4.82 -19.50 9.67
CA LEU B 328 3.67 -18.62 9.48
C LEU B 328 2.65 -18.77 10.60
N TRP B 329 3.13 -19.06 11.82
CA TRP B 329 2.21 -19.21 12.95
C TRP B 329 1.44 -17.92 13.22
N LYS B 330 2.08 -16.77 13.01
CA LYS B 330 1.35 -15.51 13.16
C LYS B 330 0.22 -15.40 12.15
N ASP B 331 0.46 -15.83 10.91
CA ASP B 331 -0.56 -15.70 9.88
C ASP B 331 -1.73 -16.64 10.15
N GLN B 332 -1.45 -17.84 10.64
CA GLN B 332 -2.51 -18.80 10.96
C GLN B 332 -3.39 -18.28 12.07
N ALA B 333 -2.76 -17.85 13.17
CA ALA B 333 -3.50 -17.28 14.30
C ALA B 333 -4.33 -16.08 13.83
N LEU B 334 -3.74 -15.24 12.98
CA LEU B 334 -4.46 -14.04 12.56
C LEU B 334 -5.76 -14.38 11.86
N VAL B 335 -5.75 -15.40 11.00
CA VAL B 335 -6.97 -15.75 10.27
C VAL B 335 -8.04 -16.24 11.25
N GLU B 336 -7.65 -17.10 12.19
CA GLU B 336 -8.63 -17.63 13.14
C GLU B 336 -9.23 -16.53 14.01
N ILE B 337 -8.41 -15.56 14.44
CA ILE B 337 -8.93 -14.44 15.21
C ILE B 337 -9.96 -13.68 14.39
N ASN B 338 -9.71 -13.51 13.11
CA ASN B 338 -10.65 -12.75 12.30
C ASN B 338 -11.89 -13.55 11.96
N ILE B 339 -11.76 -14.87 11.86
CA ILE B 339 -12.93 -15.74 11.75
C ILE B 339 -13.81 -15.58 12.98
N ALA B 340 -13.19 -15.61 14.17
CA ALA B 340 -13.93 -15.51 15.42
C ALA B 340 -14.71 -14.20 15.50
N VAL B 341 -14.09 -13.09 15.09
CA VAL B 341 -14.74 -11.80 15.20
C VAL B 341 -15.98 -11.74 14.31
N LEU B 342 -15.82 -12.09 13.04
CA LEU B 342 -16.96 -12.07 12.12
C LEU B 342 -18.07 -12.97 12.62
N TYR B 343 -17.70 -14.18 13.04
CA TYR B 343 -18.69 -15.12 13.54
C TYR B 343 -19.42 -14.58 14.76
N SER B 344 -18.71 -13.88 15.64
CA SER B 344 -19.32 -13.43 16.89
C SER B 344 -20.35 -12.33 16.62
N PHE B 345 -19.95 -11.33 15.82
CA PHE B 345 -20.86 -10.26 15.44
C PHE B 345 -22.08 -10.80 14.71
N GLN B 346 -21.86 -11.71 13.75
CA GLN B 346 -22.98 -12.25 12.98
C GLN B 346 -23.92 -13.06 13.87
N SER B 347 -23.36 -13.83 14.80
CA SER B 347 -24.22 -14.62 15.69
C SER B 347 -25.02 -13.74 16.63
N ASP B 348 -24.50 -12.56 16.98
CA ASP B 348 -25.23 -11.61 17.79
C ASP B 348 -26.04 -10.64 16.94
N LYS B 349 -26.09 -10.84 15.62
CA LYS B 349 -26.82 -9.96 14.72
C LYS B 349 -26.39 -8.50 14.91
N VAL B 350 -25.09 -8.29 15.00
CA VAL B 350 -24.53 -6.95 14.95
C VAL B 350 -23.88 -6.77 13.59
N THR B 351 -24.25 -5.68 12.91
CA THR B 351 -23.72 -5.41 11.58
C THR B 351 -22.19 -5.41 11.58
N ILE B 352 -21.63 -6.18 10.66
CA ILE B 352 -20.20 -6.22 10.41
C ILE B 352 -20.04 -6.64 8.96
N VAL B 353 -18.97 -6.21 8.33
CA VAL B 353 -18.68 -6.62 6.96
C VAL B 353 -17.29 -7.21 6.96
N ASP B 354 -17.12 -8.33 6.25
CA ASP B 354 -15.77 -8.87 6.06
C ASP B 354 -15.04 -8.07 4.97
N HIS B 355 -13.71 -8.14 5.00
CA HIS B 355 -12.92 -7.35 4.05
C HIS B 355 -13.10 -7.80 2.59
N HIS B 356 -13.52 -9.05 2.35
CA HIS B 356 -13.82 -9.46 0.98
C HIS B 356 -15.05 -8.74 0.44
N SER B 357 -16.13 -8.76 1.21
CA SER B 357 -17.34 -8.07 0.77
C SER B 357 -17.13 -6.55 0.72
N ALA B 358 -16.46 -5.98 1.73
CA ALA B 358 -16.22 -4.53 1.74
C ALA B 358 -15.43 -4.07 0.51
N THR B 359 -14.32 -4.76 0.20
CA THR B 359 -13.51 -4.32 -0.95
C THR B 359 -14.27 -4.51 -2.25
N GLU B 360 -15.00 -5.61 -2.38
CA GLU B 360 -15.89 -5.83 -3.51
C GLU B 360 -16.89 -4.68 -3.66
N SER B 361 -17.49 -4.24 -2.54
CA SER B 361 -18.41 -3.10 -2.61
CA SER B 361 -18.41 -3.10 -2.60
C SER B 361 -17.68 -1.83 -3.03
N PHE B 362 -16.46 -1.64 -2.54
CA PHE B 362 -15.70 -0.45 -2.92
C PHE B 362 -15.42 -0.43 -4.43
N ILE B 363 -15.09 -1.58 -5.01
CA ILE B 363 -14.88 -1.65 -6.46
C ILE B 363 -16.14 -1.23 -7.19
N LYS B 364 -17.29 -1.77 -6.79
CA LYS B 364 -18.56 -1.36 -7.39
C LYS B 364 -18.82 0.13 -7.18
N HIS B 365 -18.51 0.63 -5.97
CA HIS B 365 -18.62 2.06 -5.71
C HIS B 365 -17.75 2.88 -6.66
N MET B 366 -16.52 2.43 -6.90
CA MET B 366 -15.63 3.15 -7.81
C MET B 366 -16.24 3.24 -9.21
N GLU B 367 -16.74 2.10 -9.72
CA GLU B 367 -17.40 2.08 -11.02
CA GLU B 367 -17.38 2.11 -11.04
C GLU B 367 -18.54 3.09 -11.06
N ASN B 368 -19.36 3.12 -10.00
CA ASN B 368 -20.47 4.07 -9.94
C ASN B 368 -19.98 5.50 -9.99
N GLU B 369 -18.97 5.83 -9.17
CA GLU B 369 -18.48 7.21 -9.09
C GLU B 369 -17.82 7.63 -10.40
N TYR B 370 -17.04 6.75 -11.01
CA TYR B 370 -16.47 7.11 -12.31
C TYR B 370 -17.57 7.38 -13.32
N ARG B 371 -18.66 6.61 -13.26
CA ARG B 371 -19.78 6.85 -14.17
C ARG B 371 -20.45 8.19 -13.88
N CYS B 372 -20.99 8.36 -12.68
CA CYS B 372 -21.85 9.51 -12.44
C CYS B 372 -21.05 10.77 -12.15
N ARG B 373 -19.86 10.64 -11.57
CA ARG B 373 -19.10 11.77 -11.07
C ARG B 373 -17.79 12.04 -11.81
N GLY B 374 -17.32 11.12 -12.64
CA GLY B 374 -16.06 11.32 -13.33
C GLY B 374 -14.84 10.95 -12.51
N GLY B 375 -15.01 10.30 -11.37
CA GLY B 375 -13.87 9.83 -10.62
C GLY B 375 -14.23 9.57 -9.18
N CYS B 376 -13.22 9.13 -8.44
CA CYS B 376 -13.36 8.77 -7.04
C CYS B 376 -11.98 8.78 -6.41
N PRO B 377 -11.68 9.73 -5.54
CA PRO B 377 -10.36 9.74 -4.90
C PRO B 377 -10.24 8.58 -3.93
N ALA B 378 -9.08 7.92 -3.97
CA ALA B 378 -8.93 6.66 -3.26
C ALA B 378 -7.47 6.45 -2.93
N ASP B 379 -7.20 6.10 -1.69
CA ASP B 379 -5.85 6.00 -1.14
C ASP B 379 -5.57 4.50 -0.98
N TRP B 380 -4.86 3.94 -1.96
CA TRP B 380 -4.59 2.49 -1.99
C TRP B 380 -3.99 2.00 -0.68
N VAL B 381 -3.07 2.79 -0.12
CA VAL B 381 -2.38 2.42 1.12
C VAL B 381 -3.38 2.15 2.24
N TRP B 382 -4.50 2.85 2.25
CA TRP B 382 -5.51 2.68 3.29
C TRP B 382 -6.66 1.78 2.87
N ILE B 383 -6.99 1.74 1.58
CA ILE B 383 -8.12 0.96 1.09
C ILE B 383 -7.82 -0.53 1.16
N VAL B 384 -6.59 -0.93 0.83
CA VAL B 384 -6.23 -2.34 0.84
C VAL B 384 -6.22 -2.86 2.27
N PRO B 385 -6.86 -3.98 2.56
CA PRO B 385 -7.04 -4.42 3.96
C PRO B 385 -5.74 -4.89 4.57
N PRO B 386 -5.62 -4.81 5.90
CA PRO B 386 -4.34 -5.17 6.55
C PRO B 386 -4.04 -6.67 6.55
N MET B 387 -4.89 -7.52 5.98
CA MET B 387 -4.56 -8.93 5.79
C MET B 387 -5.09 -9.40 4.44
N SER B 388 -4.42 -10.40 3.87
CA SER B 388 -4.88 -11.04 2.65
C SER B 388 -5.05 -10.04 1.51
N GLY B 389 -4.24 -8.99 1.50
CA GLY B 389 -4.35 -7.92 0.51
C GLY B 389 -4.63 -8.35 -0.92
N SER B 390 -3.79 -9.22 -1.48
CA SER B 390 -3.86 -9.50 -2.91
C SER B 390 -4.97 -10.47 -3.30
N ILE B 391 -5.66 -11.10 -2.36
CA ILE B 391 -6.82 -11.89 -2.75
C ILE B 391 -8.08 -11.03 -2.62
N THR B 392 -7.91 -9.72 -2.40
CA THR B 392 -9.06 -8.83 -2.50
C THR B 392 -8.96 -8.03 -3.79
N PRO B 393 -10.09 -7.62 -4.38
CA PRO B 393 -10.02 -6.95 -5.69
C PRO B 393 -9.41 -5.55 -5.64
N VAL B 394 -9.35 -4.88 -4.47
CA VAL B 394 -8.73 -3.57 -4.48
C VAL B 394 -7.23 -3.65 -4.71
N PHE B 395 -6.62 -4.80 -4.40
CA PHE B 395 -5.17 -4.91 -4.50
C PHE B 395 -4.69 -4.60 -5.92
N HIS B 396 -5.44 -5.05 -6.91
CA HIS B 396 -5.07 -4.92 -8.32
C HIS B 396 -5.69 -3.69 -8.98
N GLN B 397 -6.32 -2.82 -8.20
CA GLN B 397 -6.99 -1.63 -8.71
C GLN B 397 -6.07 -0.43 -8.59
N GLU B 398 -5.69 0.16 -9.72
CA GLU B 398 -5.03 1.46 -9.66
C GLU B 398 -6.00 2.50 -9.11
N MET B 399 -5.50 3.39 -8.27
CA MET B 399 -6.31 4.43 -7.68
C MET B 399 -5.60 5.75 -7.82
N LEU B 400 -6.37 6.81 -7.96
CA LEU B 400 -5.85 8.17 -7.91
C LEU B 400 -6.27 8.80 -6.60
N ASN B 401 -5.32 9.39 -5.91
CA ASN B 401 -5.61 10.05 -4.66
C ASN B 401 -5.54 11.55 -4.88
N TYR B 402 -6.59 12.25 -4.46
CA TYR B 402 -6.60 13.71 -4.54
C TYR B 402 -7.64 14.21 -3.55
N ARG B 403 -7.52 15.47 -3.20
CA ARG B 403 -8.23 16.02 -2.06
C ARG B 403 -9.34 16.93 -2.55
N LEU B 404 -10.58 16.51 -2.31
CA LEU B 404 -11.76 17.31 -2.63
C LEU B 404 -12.37 17.84 -1.34
N THR B 405 -13.13 18.92 -1.47
CA THR B 405 -13.82 19.47 -0.32
C THR B 405 -15.31 19.56 -0.60
N PRO B 406 -16.17 19.39 0.42
CA PRO B 406 -16.00 19.18 1.86
C PRO B 406 -15.16 17.97 2.22
N SER B 407 -14.46 18.02 3.34
CA SER B 407 -13.65 16.89 3.75
C SER B 407 -13.56 16.81 5.26
N PHE B 408 -13.15 15.62 5.71
CA PHE B 408 -12.69 15.40 7.08
C PHE B 408 -11.17 15.59 7.14
N GLU B 409 -10.72 16.26 8.19
CA GLU B 409 -9.30 16.49 8.41
C GLU B 409 -8.93 16.10 9.83
N TYR B 410 -7.67 15.77 10.00
CA TYR B 410 -7.10 15.61 11.33
C TYR B 410 -6.88 16.98 11.95
N GLN B 411 -6.83 16.98 13.28
CA GLN B 411 -6.59 18.18 14.06
C GLN B 411 -5.74 17.78 15.25
N PRO B 412 -5.01 18.72 15.85
CA PRO B 412 -4.17 18.35 17.00
C PRO B 412 -5.02 17.90 18.18
N ASP B 413 -4.44 17.04 19.00
CA ASP B 413 -5.09 16.60 20.22
C ASP B 413 -5.39 17.79 21.12
N PRO B 414 -6.59 17.86 21.72
CA PRO B 414 -6.96 19.06 22.48
C PRO B 414 -6.07 19.33 23.68
N TRP B 415 -5.50 18.28 24.30
CA TRP B 415 -4.65 18.49 25.47
C TRP B 415 -3.32 19.13 25.12
N ASN B 416 -2.90 19.10 23.87
CA ASN B 416 -1.68 19.82 23.47
C ASN B 416 -1.93 21.31 23.23
N THR B 417 -3.16 21.77 23.38
CA THR B 417 -3.52 23.13 23.01
C THR B 417 -4.23 23.84 24.14
N HIS B 418 -4.99 23.09 24.92
CA HIS B 418 -6.02 23.67 25.77
C HIS B 418 -5.41 24.49 26.89
N VAL B 419 -5.77 25.77 26.95
CA VAL B 419 -5.38 26.63 28.07
C VAL B 419 -6.32 26.31 29.22
N TRP B 420 -5.82 25.52 30.18
CA TRP B 420 -6.65 25.07 31.28
C TRP B 420 -7.08 26.24 32.17
N LYS B 421 -8.24 26.07 32.80
CA LYS B 421 -8.84 27.15 33.57
C LYS B 421 -9.19 26.68 34.98
CHA HEM C . 11.12 -5.96 -6.75
CHB HEM C . 12.39 -9.33 -3.53
CHC HEM C . 16.79 -9.38 -5.50
CHD HEM C . 15.71 -5.62 -8.30
C1A HEM C . 11.07 -6.93 -5.78
C2A HEM C . 9.86 -7.41 -5.13
C3A HEM C . 10.20 -8.36 -4.27
C4A HEM C . 11.64 -8.48 -4.31
CMA HEM C . 9.28 -9.18 -3.33
CAA HEM C . 8.43 -6.98 -5.48
CBA HEM C . 8.20 -8.14 -6.45
CGA HEM C . 6.92 -8.21 -7.20
O1A HEM C . 5.85 -8.21 -6.56
O2A HEM C . 7.01 -8.34 -8.44
C1B HEM C . 13.69 -9.62 -3.80
C2B HEM C . 14.47 -10.59 -3.07
C3B HEM C . 15.69 -10.60 -3.59
C4B HEM C . 15.72 -9.64 -4.68
CMB HEM C . 13.96 -11.43 -1.88
CAB HEM C . 16.84 -11.52 -3.10
CBB HEM C . 18.13 -11.26 -3.34
C1C HEM C . 16.88 -8.40 -6.46
C2C HEM C . 18.02 -8.16 -7.31
C3C HEM C . 17.72 -7.11 -8.09
C4C HEM C . 16.39 -6.67 -7.74
CMC HEM C . 19.32 -9.00 -7.28
CAC HEM C . 18.57 -6.40 -9.15
CBC HEM C . 19.90 -6.41 -9.13
C1D HEM C . 14.37 -5.42 -8.14
C2D HEM C . 13.55 -4.48 -8.89
C3D HEM C . 12.30 -4.58 -8.47
C4D HEM C . 12.25 -5.58 -7.43
CMD HEM C . 14.04 -3.52 -9.99
CAD HEM C . 11.10 -3.76 -9.02
CBD HEM C . 10.45 -4.66 -10.07
CGD HEM C . 9.23 -4.07 -10.75
O1D HEM C . 9.04 -2.81 -10.69
O2D HEM C . 8.48 -4.86 -11.39
NA HEM C . 12.14 -7.60 -5.25
NB HEM C . 14.48 -9.04 -4.78
NC HEM C . 15.91 -7.48 -6.75
ND HEM C . 13.54 -6.10 -7.25
FE HEM C . 14.09 -7.31 -5.80
N1 H4B D . 3.12 -5.10 -4.86
C2 H4B D . 3.99 -6.03 -5.34
N2 H4B D . 5.02 -6.45 -4.57
N3 H4B D . 3.82 -6.53 -6.60
C4 H4B D . 2.80 -6.14 -7.39
O4 H4B D . 2.66 -6.60 -8.54
C4A H4B D . 1.93 -5.19 -6.91
C8A H4B D . 2.10 -4.68 -5.63
N5 H4B D . 0.91 -4.77 -7.68
N8 H4B D . 1.25 -3.76 -5.15
C6 H4B D . 0.38 -3.46 -7.39
C7 H4B D . 0.08 -3.33 -5.91
C9 H4B D . -0.90 -3.21 -8.18
O9 H4B D . -1.82 -4.27 -7.89
C10 H4B D . -1.46 -1.84 -7.82
C11 H4B D . -2.73 -1.51 -8.60
O10 H4B D . -0.43 -0.89 -8.12
C02 V80 E . 12.91 -11.66 -6.46
C04 V80 E . 14.31 -10.74 -8.09
C05 V80 E . 13.26 -9.93 -8.54
C06 V80 E . 12.03 -10.03 -7.92
C07 V80 E . 15.66 -10.67 -8.76
C08 V80 E . 10.85 -9.18 -8.34
C09 V80 E . 10.28 -9.57 -9.70
C11 V80 E . 10.26 -12.07 -9.96
C12 V80 E . 9.63 -13.29 -9.88
C13 V80 E . 8.33 -13.39 -9.43
C14 V80 E . 7.64 -12.24 -9.05
C15 V80 E . 8.27 -11.01 -9.14
C16 V80 E . 9.59 -10.92 -9.59
C17 V80 E . 6.22 -12.36 -8.55
C18 V80 E . 5.27 -12.72 -9.69
C20 V80 E . 3.47 -11.37 -8.86
C21 V80 E . 3.67 -11.75 -11.21
F11 V80 E . 11.52 -11.97 -10.39
F12 V80 E . 10.29 -14.41 -10.24
N01 V80 E . 11.89 -10.91 -6.91
N02 V80 E . 12.70 -12.49 -5.43
N03 V80 E . 14.12 -11.57 -7.05
N19 V80 E . 4.41 -11.55 -9.97
C1 GOL F . 23.55 9.82 -4.96
O1 GOL F . 22.49 9.09 -5.56
C2 GOL F . 24.56 8.88 -4.30
O2 GOL F . 24.29 7.53 -4.61
C3 GOL F . 24.57 9.09 -2.78
O3 GOL F . 25.15 7.95 -2.16
C1 GOL G . 30.96 -9.08 -6.97
O1 GOL G . 30.47 -8.50 -5.78
C2 GOL G . 30.75 -8.08 -8.11
O2 GOL G . 30.90 -8.64 -9.41
C3 GOL G . 31.72 -6.93 -7.89
O3 GOL G . 32.37 -7.07 -6.65
ZN ZN H . 2.39 10.41 -4.47
CHA HEM I . -11.53 5.45 7.08
CHB HEM I . -14.48 1.63 6.92
CHC HEM I . -18.22 4.65 7.60
CHD HEM I . -15.34 8.49 7.28
C1A HEM I . -11.97 4.14 7.10
C2A HEM I . -11.16 2.91 7.20
C3A HEM I . -11.98 1.88 7.16
C4A HEM I . -13.33 2.38 7.01
CMA HEM I . -11.58 0.38 7.25
CAA HEM I . -9.63 2.80 7.35
CBA HEM I . -9.20 3.65 8.53
CGA HEM I . -8.52 2.80 9.56
O1A HEM I . -8.08 1.67 9.23
O2A HEM I . -8.40 3.27 10.72
C1B HEM I . -15.75 2.12 7.09
C2B HEM I . -16.93 1.33 7.13
C3B HEM I . -17.97 2.14 7.30
C4B HEM I . -17.48 3.50 7.39
CMB HEM I . -16.94 -0.22 6.98
CAB HEM I . -19.42 1.64 7.39
CBB HEM I . -20.47 2.45 7.23
C1C HEM I . -17.78 5.94 7.62
C2C HEM I . -18.60 7.14 7.87
C3C HEM I . -17.78 8.20 7.78
C4C HEM I . -16.46 7.71 7.45
CMC HEM I . -20.12 7.14 8.22
CAC HEM I . -18.07 9.71 7.93
CBC HEM I . -19.28 10.24 7.83
C1D HEM I . -14.06 7.98 7.22
C2D HEM I . -12.85 8.78 7.18
C3D HEM I . -11.82 7.97 7.12
C4D HEM I . -12.30 6.59 7.13
CMD HEM I . -12.74 10.32 7.21
CAD HEM I . -10.37 8.47 7.07
CBD HEM I . -9.79 8.32 8.46
CGD HEM I . -8.36 8.77 8.45
O1D HEM I . -7.93 9.48 7.50
O2D HEM I . -7.64 8.41 9.41
NA HEM I . -13.29 3.75 6.99
NB HEM I . -16.09 3.45 7.24
NC HEM I . -16.49 6.34 7.37
ND HEM I . -13.69 6.64 7.18
FE HEM I . -14.87 5.05 6.82
N1 H4B J . -4.39 1.54 6.31
C2 H4B J . -5.47 1.61 7.13
N2 H4B J . -6.69 1.23 6.65
N3 H4B J . -5.35 2.07 8.40
C4 H4B J . -4.15 2.45 8.89
O4 H4B J . -4.06 2.86 10.08
C4A H4B J . -3.03 2.38 8.06
C8A H4B J . -3.18 1.91 6.76
N5 H4B J . -1.79 2.75 8.49
N8 H4B J . -2.11 1.82 5.91
C6 H4B J . -0.86 3.19 7.45
C7 H4B J . -0.75 2.16 6.33
C9 H4B J . 0.53 3.51 8.03
O9 H4B J . 1.00 2.40 8.81
C10 H4B J . 1.53 3.85 6.91
C11 H4B J . 2.92 4.19 7.45
O10 H4B J . 1.02 4.96 6.17
C02 V80 K . -15.48 2.15 10.54
C04 V80 K . -16.12 4.39 10.79
C05 V80 K . -14.78 4.78 10.70
C06 V80 K . -13.81 3.81 10.55
C07 V80 K . -17.19 5.42 10.97
C08 V80 K . -12.35 4.18 10.44
C09 V80 K . -11.73 4.58 11.77
C11 V80 K . -12.49 3.25 13.72
C12 V80 K . -12.39 2.19 14.60
C13 V80 K . -11.38 1.25 14.44
C14 V80 K . -10.46 1.36 13.41
C15 V80 K . -10.56 2.43 12.53
C16 V80 K . -11.59 3.38 12.68
C17 V80 K . -9.40 0.29 13.30
C18 V80 K . -8.13 0.80 12.66
C20 V80 K . -7.64 1.45 15.01
C21 V80 K . -5.93 0.61 13.56
F11 V80 K . -13.46 4.16 13.87
F12 V80 K . -13.26 2.06 15.60
N01 V80 K . -14.19 2.51 10.48
N02 V80 K . -15.81 0.83 10.44
N03 V80 K . -16.45 3.09 10.69
N19 V80 K . -7.17 1.39 13.62
C1 GOL L . -16.85 18.87 -7.52
O1 GOL L . -16.02 18.69 -6.38
C2 GOL L . -18.23 18.28 -7.25
O2 GOL L . -18.32 17.91 -5.89
C3 GOL L . -18.48 17.05 -8.13
O3 GOL L . -19.61 16.33 -7.66
#